data_2KFX
#
_entry.id   2KFX
#
loop_
_entity.id
_entity.type
_entity.pdbx_description
1 polymer 'Troponin C, slow skeletal and cardiac muscles'
2 non-polymer 'CALCIUM ION'
3 non-polymer N-(6-AMINOHEXYL)-5-CHLORO-1-NAPHTHALENESULFONAMIDE
#
_entity_poly.entity_id   1
_entity_poly.type   'polypeptide(L)'
_entity_poly.pdbx_seq_one_letter_code
;MDDIYKAAVEQLTEEQKNEFKAAFDIFVLGAEDGSISTKELGKVMRMLGQNPTPEELQEMIDEVDEDGSGTVDFDEFLVM
MVRSMKDDS
;
_entity_poly.pdbx_strand_id   T
#
loop_
_chem_comp.id
_chem_comp.type
_chem_comp.name
_chem_comp.formula
CA non-polymer 'CALCIUM ION' 'Ca 2'
WW7 non-polymer N-(6-AMINOHEXYL)-5-CHLORO-1-NAPHTHALENESULFONAMIDE 'C16 H21 Cl N2 O2 S'
#
# COMPACT_ATOMS: atom_id res chain seq x y z
N MET A 1 -11.20 -6.71 15.52
CA MET A 1 -11.29 -5.40 16.21
C MET A 1 -10.48 -4.37 15.42
N ASP A 2 -9.17 -4.46 15.50
CA ASP A 2 -8.29 -3.54 14.80
C ASP A 2 -8.71 -2.09 15.06
N ASP A 3 -8.96 -1.77 16.33
CA ASP A 3 -9.38 -0.42 16.70
C ASP A 3 -8.18 0.52 16.78
N ILE A 4 -7.16 0.10 17.53
CA ILE A 4 -5.96 0.91 17.68
C ILE A 4 -5.51 1.50 16.34
N TYR A 5 -6.04 0.95 15.25
CA TYR A 5 -5.68 1.42 13.91
C TYR A 5 -6.61 2.56 13.49
N LYS A 6 -7.90 2.38 13.70
CA LYS A 6 -8.89 3.39 13.35
C LYS A 6 -8.64 4.68 14.13
N ALA A 7 -7.99 4.53 15.28
CA ALA A 7 -7.69 5.69 16.12
C ALA A 7 -6.82 6.70 15.37
N ALA A 8 -5.90 6.18 14.58
CA ALA A 8 -5.00 7.04 13.81
C ALA A 8 -5.71 7.60 12.59
N VAL A 9 -6.61 6.80 12.02
CA VAL A 9 -7.36 7.23 10.83
C VAL A 9 -8.09 8.54 11.11
N GLU A 10 -8.45 8.76 12.37
CA GLU A 10 -9.17 9.97 12.76
C GLU A 10 -8.23 11.18 12.72
N GLN A 11 -6.93 10.91 12.82
CA GLN A 11 -5.94 11.98 12.80
C GLN A 11 -5.70 12.46 11.37
N LEU A 12 -5.87 11.55 10.42
CA LEU A 12 -5.66 11.89 9.01
C LEU A 12 -6.79 12.79 8.51
N THR A 13 -6.42 13.95 7.99
CA THR A 13 -7.41 14.89 7.47
C THR A 13 -7.95 14.42 6.13
N GLU A 14 -7.93 15.30 5.13
CA GLU A 14 -8.43 14.96 3.79
C GLU A 14 -7.42 15.39 2.73
N GLU A 15 -6.54 16.31 3.10
CA GLU A 15 -5.52 16.79 2.17
C GLU A 15 -4.47 15.71 1.93
N GLN A 16 -4.10 14.99 2.97
CA GLN A 16 -3.11 13.94 2.85
C GLN A 16 -3.74 12.67 2.26
N LYS A 17 -5.06 12.65 2.21
CA LYS A 17 -5.77 11.50 1.67
C LYS A 17 -5.67 11.47 0.15
N ASN A 18 -5.95 12.61 -0.48
CA ASN A 18 -5.87 12.71 -1.93
C ASN A 18 -4.47 12.38 -2.43
N GLU A 19 -3.50 12.41 -1.51
CA GLU A 19 -2.12 12.11 -1.87
C GLU A 19 -1.95 10.61 -2.11
N PHE A 20 -2.54 9.81 -1.23
CA PHE A 20 -2.44 8.35 -1.36
C PHE A 20 -3.34 7.85 -2.49
N LYS A 21 -4.63 8.19 -2.42
CA LYS A 21 -5.57 7.76 -3.44
C LYS A 21 -5.00 7.98 -4.83
N ALA A 22 -4.24 9.06 -5.00
CA ALA A 22 -3.63 9.37 -6.29
C ALA A 22 -2.60 8.31 -6.65
N ALA A 23 -1.97 7.73 -5.64
CA ALA A 23 -0.95 6.71 -5.85
C ALA A 23 -1.58 5.44 -6.44
N PHE A 24 -2.65 4.98 -5.82
CA PHE A 24 -3.35 3.78 -6.29
C PHE A 24 -3.53 3.83 -7.80
N ASP A 25 -4.11 4.92 -8.29
CA ASP A 25 -4.35 5.08 -9.73
C ASP A 25 -3.11 4.64 -10.51
N ILE A 26 -1.94 5.07 -10.07
CA ILE A 26 -0.70 4.72 -10.74
C ILE A 26 -0.47 3.21 -10.69
N PHE A 27 -0.55 2.65 -9.48
CA PHE A 27 -0.34 1.21 -9.30
C PHE A 27 -1.39 0.42 -10.09
N VAL A 28 -2.50 1.08 -10.42
CA VAL A 28 -3.58 0.42 -11.16
C VAL A 28 -4.32 1.44 -12.02
N LEU A 29 -3.66 1.90 -13.09
CA LEU A 29 -4.28 2.87 -14.00
C LEU A 29 -4.91 2.17 -15.20
N GLY A 30 -5.24 0.89 -15.03
CA GLY A 30 -5.86 0.14 -16.12
C GLY A 30 -6.37 -1.21 -15.62
N ALA A 31 -6.25 -1.45 -14.33
CA ALA A 31 -6.72 -2.71 -13.76
C ALA A 31 -8.23 -2.70 -13.59
N GLU A 32 -8.82 -3.89 -13.52
CA GLU A 32 -10.27 -4.01 -13.35
C GLU A 32 -10.72 -3.25 -12.11
N ASP A 33 -10.61 -3.90 -10.96
CA ASP A 33 -11.03 -3.28 -9.70
C ASP A 33 -9.96 -2.30 -9.22
N GLY A 34 -8.82 -2.83 -8.79
CA GLY A 34 -7.72 -2.00 -8.30
C GLY A 34 -6.78 -2.81 -7.42
N SER A 35 -6.66 -4.09 -7.72
CA SER A 35 -5.78 -4.97 -6.94
C SER A 35 -4.34 -4.82 -7.41
N ILE A 36 -3.46 -4.39 -6.50
CA ILE A 36 -2.06 -4.21 -6.83
C ILE A 36 -1.31 -5.53 -6.71
N SER A 37 -0.20 -5.65 -7.43
CA SER A 37 0.61 -6.87 -7.41
C SER A 37 2.04 -6.57 -7.84
N THR A 38 2.93 -7.52 -7.61
CA THR A 38 4.33 -7.36 -7.98
C THR A 38 4.46 -6.96 -9.44
N LYS A 39 3.34 -7.00 -10.17
CA LYS A 39 3.34 -6.64 -11.58
C LYS A 39 3.35 -5.13 -11.75
N GLU A 40 2.35 -4.46 -11.20
CA GLU A 40 2.25 -3.00 -11.31
C GLU A 40 3.07 -2.32 -10.22
N LEU A 41 3.73 -3.12 -9.39
CA LEU A 41 4.54 -2.58 -8.31
C LEU A 41 5.83 -1.98 -8.87
N GLY A 42 6.68 -2.85 -9.42
CA GLY A 42 7.95 -2.39 -9.99
C GLY A 42 7.73 -1.30 -11.03
N LYS A 43 6.47 -1.05 -11.37
CA LYS A 43 6.14 -0.03 -12.35
C LYS A 43 6.29 1.37 -11.74
N VAL A 44 5.84 1.52 -10.50
CA VAL A 44 5.93 2.82 -9.82
C VAL A 44 7.35 3.04 -9.31
N MET A 45 7.93 2.01 -8.71
CA MET A 45 9.29 2.11 -8.18
C MET A 45 10.27 2.47 -9.28
N ARG A 46 9.81 2.37 -10.52
CA ARG A 46 10.66 2.69 -11.67
C ARG A 46 10.86 4.20 -11.78
N MET A 47 9.79 4.95 -11.60
CA MET A 47 9.85 6.40 -11.69
C MET A 47 10.83 6.96 -10.66
N LEU A 48 10.99 6.24 -9.55
CA LEU A 48 11.90 6.67 -8.50
C LEU A 48 13.34 6.43 -8.91
N GLY A 49 13.79 5.19 -8.81
CA GLY A 49 15.15 4.84 -9.18
C GLY A 49 15.49 3.41 -8.76
N GLN A 50 14.47 2.54 -8.78
CA GLN A 50 14.65 1.13 -8.41
C GLN A 50 13.92 0.23 -9.39
N ASN A 51 14.25 -1.06 -9.35
CA ASN A 51 13.61 -2.03 -10.24
C ASN A 51 14.05 -3.45 -9.90
N PRO A 52 13.74 -3.89 -8.71
CA PRO A 52 14.11 -5.26 -8.24
C PRO A 52 13.20 -6.33 -8.83
N THR A 53 13.43 -7.58 -8.44
CA THR A 53 12.63 -8.70 -8.94
C THR A 53 11.29 -8.75 -8.20
N PRO A 54 10.26 -9.28 -8.81
CA PRO A 54 8.92 -9.38 -8.17
C PRO A 54 8.91 -10.38 -7.01
N GLU A 55 10.02 -11.10 -6.85
CA GLU A 55 10.13 -12.08 -5.78
C GLU A 55 10.51 -11.39 -4.47
N GLU A 56 11.28 -10.31 -4.58
CA GLU A 56 11.70 -9.56 -3.41
C GLU A 56 10.59 -8.64 -2.92
N LEU A 57 9.99 -7.91 -3.86
CA LEU A 57 8.91 -6.99 -3.51
C LEU A 57 7.80 -7.72 -2.79
N GLN A 58 7.46 -8.91 -3.26
CA GLN A 58 6.40 -9.69 -2.64
C GLN A 58 6.56 -9.69 -1.12
N GLU A 59 7.80 -9.62 -0.66
CA GLU A 59 8.07 -9.61 0.78
C GLU A 59 7.41 -8.41 1.44
N MET A 60 7.32 -7.31 0.72
CA MET A 60 6.71 -6.09 1.25
C MET A 60 5.20 -6.22 1.27
N ILE A 61 4.65 -7.01 0.35
CA ILE A 61 3.21 -7.22 0.27
C ILE A 61 2.79 -8.41 1.13
N ASP A 62 3.76 -9.28 1.43
CA ASP A 62 3.49 -10.47 2.24
C ASP A 62 3.39 -10.12 3.72
N GLU A 63 3.94 -8.97 4.09
CA GLU A 63 3.91 -8.54 5.49
C GLU A 63 2.57 -7.91 5.84
N VAL A 64 1.99 -7.19 4.89
CA VAL A 64 0.70 -6.53 5.11
C VAL A 64 -0.45 -7.47 4.76
N ASP A 65 -0.24 -8.32 3.76
CA ASP A 65 -1.28 -9.26 3.34
C ASP A 65 -1.69 -10.16 4.50
N GLU A 66 -2.51 -9.62 5.39
CA GLU A 66 -2.98 -10.39 6.54
C GLU A 66 -4.12 -11.31 6.13
N ASP A 67 -4.06 -11.80 4.89
CA ASP A 67 -5.09 -12.70 4.39
C ASP A 67 -4.54 -13.56 3.25
N GLY A 68 -3.23 -13.49 3.05
CA GLY A 68 -2.58 -14.27 1.99
C GLY A 68 -3.39 -14.20 0.70
N SER A 69 -3.20 -13.13 -0.05
CA SER A 69 -3.91 -12.94 -1.32
C SER A 69 -3.02 -12.25 -2.35
N GLY A 70 -1.85 -11.79 -1.90
CA GLY A 70 -0.92 -11.11 -2.78
C GLY A 70 -1.54 -9.86 -3.39
N THR A 71 -2.05 -8.98 -2.52
CA THR A 71 -2.68 -7.75 -2.97
C THR A 71 -2.57 -6.66 -1.89
N VAL A 72 -2.93 -5.44 -2.25
CA VAL A 72 -2.87 -4.31 -1.32
C VAL A 72 -4.02 -3.34 -1.57
N ASP A 73 -5.17 -3.62 -0.98
CA ASP A 73 -6.34 -2.76 -1.15
C ASP A 73 -6.25 -1.56 -0.21
N PHE A 74 -7.07 -0.55 -0.48
CA PHE A 74 -7.08 0.65 0.35
C PHE A 74 -7.28 0.30 1.83
N ASP A 75 -7.55 -0.98 2.09
CA ASP A 75 -7.77 -1.44 3.47
C ASP A 75 -6.44 -1.64 4.18
N GLU A 76 -5.94 -2.87 4.15
CA GLU A 76 -4.67 -3.20 4.81
C GLU A 76 -3.60 -2.18 4.46
N PHE A 77 -3.87 -1.34 3.47
CA PHE A 77 -2.91 -0.31 3.07
C PHE A 77 -2.68 0.68 4.21
N LEU A 78 -3.75 1.32 4.65
CA LEU A 78 -3.65 2.29 5.74
C LEU A 78 -2.84 1.71 6.90
N VAL A 79 -3.10 0.46 7.23
CA VAL A 79 -2.39 -0.21 8.32
C VAL A 79 -0.88 -0.07 8.13
N MET A 80 -0.41 -0.37 6.93
CA MET A 80 1.02 -0.27 6.64
C MET A 80 1.58 1.05 7.13
N MET A 81 0.99 2.15 6.66
CA MET A 81 1.45 3.48 7.07
C MET A 81 1.34 3.64 8.58
N VAL A 82 0.14 3.49 9.11
CA VAL A 82 -0.08 3.63 10.55
C VAL A 82 1.02 2.93 11.34
N ARG A 83 1.40 1.74 10.88
CA ARG A 83 2.44 0.97 11.55
C ARG A 83 3.79 1.70 11.48
N SER A 84 4.37 1.73 10.29
CA SER A 84 5.66 2.40 10.10
C SER A 84 5.65 3.77 10.76
N MET A 85 4.48 4.42 10.75
CA MET A 85 4.35 5.75 11.35
C MET A 85 4.50 5.67 12.86
N LYS A 86 3.46 5.16 13.53
CA LYS A 86 3.49 5.04 14.98
C LYS A 86 4.74 4.28 15.43
N ASP A 87 5.34 3.53 14.52
CA ASP A 87 6.54 2.77 14.84
C ASP A 87 7.30 2.40 13.57
N ASP A 88 8.39 3.11 13.31
CA ASP A 88 9.20 2.85 12.13
C ASP A 88 10.09 1.63 12.34
N SER A 89 10.37 0.91 11.27
CA SER A 89 11.21 -0.28 11.35
C SER A 89 11.63 -0.75 9.96
CA CA B . -3.59 -8.74 0.83
S1 WW7 C . 3.40 4.86 -2.22
O1 WW7 C . 2.45 5.44 -3.12
O2 WW7 C . 4.76 5.30 -2.34
N1 WW7 C . 2.86 5.25 -0.62
C4 WW7 C . 3.44 0.16 -2.68
C3 WW7 C . 4.68 0.93 -2.59
C2 WW7 C . 4.65 2.39 -2.45
C1 WW7 C . 3.38 3.10 -2.41
C9 WW7 C . 2.13 2.37 -2.50
C10 WW7 C . 2.16 0.86 -2.64
CL1 WW7 C . 0.85 -1.60 -2.87
C5 WW7 C . 0.91 0.11 -2.73
C6 WW7 C . -0.36 0.82 -2.68
C7 WW7 C . -0.39 2.29 -2.54
C8 WW7 C . 0.84 3.05 -2.45
C11 WW7 C . 3.84 5.79 0.30
C12 WW7 C . 4.25 4.84 1.41
C14 WW7 C . 4.41 2.40 0.89
C13 WW7 C . 5.15 3.73 0.85
C15 WW7 C . 5.37 1.28 1.35
C16 WW7 C . 5.06 -0.02 0.61
N2 WW7 C . 6.16 -0.51 -0.19
HN1 WW7 C . 2.50 4.41 -0.21
H4 WW7 C . 3.48 -0.83 -2.78
H3 WW7 C . 5.56 0.46 -2.61
H2 WW7 C . 5.50 2.90 -2.39
H6 WW7 C . -1.22 0.31 -2.73
H7 WW7 C . -1.27 2.76 -2.51
H8 WW7 C . 0.81 4.05 -2.36
H111 WW7 C . 3.47 6.63 0.71
H112 WW7 C . 4.66 6.04 -0.22
H121 WW7 C . 3.44 4.44 1.83
H122 WW7 C . 4.75 5.35 2.12
H141 WW7 C . 4.06 2.18 -0.01
H142 WW7 C . 3.64 2.46 1.54
H131 WW7 C . 5.99 3.68 1.40
H132 WW7 C . 5.39 3.96 -0.08
H151 WW7 C . 5.29 1.15 2.33
H152 WW7 C . 6.32 1.57 1.14
H161 WW7 C . 4.27 0.14 0.01
H162 WW7 C . 4.81 -0.71 1.29
HN21 WW7 C . 6.99 0.00 0.07
HN22 WW7 C . 5.98 -0.34 -1.16
HN23 WW7 C . 6.30 -1.48 -0.02
N MET A 1 -10.31 -7.08 15.52
CA MET A 1 -10.88 -5.77 15.92
C MET A 1 -10.11 -4.65 15.23
N ASP A 2 -8.79 -4.66 15.38
CA ASP A 2 -7.96 -3.64 14.77
C ASP A 2 -8.48 -2.24 15.09
N ASP A 3 -8.67 -1.99 16.39
CA ASP A 3 -9.17 -0.69 16.83
C ASP A 3 -8.04 0.34 16.86
N ILE A 4 -6.98 0.03 17.58
CA ILE A 4 -5.84 0.94 17.69
C ILE A 4 -5.47 1.53 16.33
N TYR A 5 -5.98 0.91 15.26
CA TYR A 5 -5.71 1.40 13.91
C TYR A 5 -6.75 2.42 13.48
N LYS A 6 -8.02 2.10 13.71
CA LYS A 6 -9.11 2.99 13.35
C LYS A 6 -8.93 4.35 14.02
N ALA A 7 -8.50 4.33 15.28
CA ALA A 7 -8.30 5.57 16.02
C ALA A 7 -7.34 6.49 15.29
N ALA A 8 -6.39 5.89 14.57
CA ALA A 8 -5.41 6.67 13.81
C ALA A 8 -6.04 7.23 12.54
N VAL A 9 -6.87 6.43 11.89
CA VAL A 9 -7.54 6.86 10.66
C VAL A 9 -8.35 8.13 10.92
N GLU A 10 -8.73 8.35 12.17
CA GLU A 10 -9.52 9.52 12.53
C GLU A 10 -8.62 10.76 12.62
N GLN A 11 -7.34 10.55 12.88
CA GLN A 11 -6.40 11.65 12.99
C GLN A 11 -6.04 12.18 11.60
N LEU A 12 -6.27 11.37 10.57
CA LEU A 12 -5.97 11.77 9.21
C LEU A 12 -7.05 12.72 8.68
N THR A 13 -6.64 13.93 8.34
CA THR A 13 -7.58 14.93 7.82
C THR A 13 -8.18 14.45 6.51
N GLU A 14 -8.11 15.30 5.47
CA GLU A 14 -8.65 14.95 4.16
C GLU A 14 -7.71 15.42 3.06
N GLU A 15 -7.02 16.52 3.31
CA GLU A 15 -6.09 17.06 2.33
C GLU A 15 -4.89 16.12 2.15
N GLN A 16 -4.50 15.45 3.24
CA GLN A 16 -3.38 14.52 3.19
C GLN A 16 -3.83 13.20 2.60
N LYS A 17 -5.13 13.02 2.42
CA LYS A 17 -5.67 11.79 1.86
C LYS A 17 -5.61 11.84 0.34
N ASN A 18 -5.34 13.01 -0.21
CA ASN A 18 -5.26 13.17 -1.66
C ASN A 18 -4.05 12.43 -2.23
N GLU A 19 -2.85 12.87 -1.84
CA GLU A 19 -1.62 12.24 -2.32
C GLU A 19 -1.77 10.72 -2.37
N PHE A 20 -2.37 10.13 -1.33
CA PHE A 20 -2.55 8.69 -1.29
C PHE A 20 -3.45 8.23 -2.44
N LYS A 21 -4.72 8.62 -2.38
CA LYS A 21 -5.66 8.23 -3.43
C LYS A 21 -5.05 8.47 -4.80
N ALA A 22 -4.28 9.54 -4.93
CA ALA A 22 -3.64 9.87 -6.20
C ALA A 22 -2.58 8.83 -6.54
N ALA A 23 -1.98 8.25 -5.50
CA ALA A 23 -0.94 7.24 -5.70
C ALA A 23 -1.52 6.04 -6.45
N PHE A 24 -2.60 5.48 -5.93
CA PHE A 24 -3.24 4.32 -6.55
C PHE A 24 -3.34 4.52 -8.06
N ASP A 25 -3.91 5.65 -8.48
CA ASP A 25 -4.06 5.95 -9.89
C ASP A 25 -2.78 5.60 -10.66
N ILE A 26 -1.64 5.72 -9.97
CA ILE A 26 -0.35 5.42 -10.58
C ILE A 26 -0.10 3.92 -10.58
N PHE A 27 -0.65 3.22 -9.59
CA PHE A 27 -0.47 1.77 -9.49
C PHE A 27 -1.52 1.05 -10.34
N VAL A 28 -2.78 1.20 -9.96
CA VAL A 28 -3.87 0.55 -10.70
C VAL A 28 -4.20 1.33 -11.97
N LEU A 29 -3.17 1.68 -12.73
CA LEU A 29 -3.37 2.42 -13.98
C LEU A 29 -3.82 1.49 -15.10
N GLY A 30 -4.54 0.44 -14.74
CA GLY A 30 -5.04 -0.51 -15.72
C GLY A 30 -5.71 -1.70 -15.05
N ALA A 31 -5.44 -1.89 -13.76
CA ALA A 31 -6.03 -2.99 -13.01
C ALA A 31 -7.55 -2.91 -13.04
N GLU A 32 -8.21 -4.05 -13.22
CA GLU A 32 -9.66 -4.09 -13.26
C GLU A 32 -10.24 -3.64 -11.93
N ASP A 33 -10.41 -4.59 -11.02
CA ASP A 33 -10.96 -4.28 -9.70
C ASP A 33 -10.23 -3.09 -9.09
N GLY A 34 -9.00 -3.32 -8.64
CA GLY A 34 -8.20 -2.26 -8.04
C GLY A 34 -7.09 -2.83 -7.17
N SER A 35 -6.62 -4.03 -7.53
CA SER A 35 -5.55 -4.68 -6.77
C SER A 35 -4.19 -4.22 -7.26
N ILE A 36 -3.17 -4.40 -6.41
CA ILE A 36 -1.81 -4.01 -6.76
C ILE A 36 -0.82 -5.12 -6.41
N SER A 37 -0.59 -6.02 -7.37
CA SER A 37 0.33 -7.13 -7.15
C SER A 37 1.76 -6.68 -7.41
N THR A 38 2.64 -7.65 -7.66
CA THR A 38 4.05 -7.35 -7.92
C THR A 38 4.24 -6.88 -9.36
N LYS A 39 3.15 -6.87 -10.13
CA LYS A 39 3.21 -6.45 -11.53
C LYS A 39 3.12 -4.93 -11.63
N GLU A 40 2.09 -4.35 -11.03
CA GLU A 40 1.89 -2.91 -11.07
C GLU A 40 2.81 -2.21 -10.06
N LEU A 41 3.62 -3.00 -9.35
CA LEU A 41 4.52 -2.45 -8.36
C LEU A 41 5.76 -1.86 -9.03
N GLY A 42 6.56 -2.73 -9.65
CA GLY A 42 7.78 -2.29 -10.33
C GLY A 42 7.52 -1.07 -11.20
N LYS A 43 6.42 -1.10 -11.94
CA LYS A 43 6.07 0.01 -12.83
C LYS A 43 6.27 1.35 -12.12
N VAL A 44 5.81 1.43 -10.87
CA VAL A 44 5.93 2.66 -10.09
C VAL A 44 7.36 2.81 -9.57
N MET A 45 7.82 1.83 -8.79
CA MET A 45 9.16 1.88 -8.24
C MET A 45 10.18 2.21 -9.32
N ARG A 46 9.75 2.12 -10.57
CA ARG A 46 10.64 2.42 -11.70
C ARG A 46 10.86 3.92 -11.84
N MET A 47 9.83 4.69 -11.50
CA MET A 47 9.92 6.15 -11.59
C MET A 47 10.98 6.69 -10.63
N LEU A 48 11.04 6.09 -9.44
CA LEU A 48 12.02 6.52 -8.44
C LEU A 48 13.44 6.24 -8.93
N GLY A 49 13.86 4.98 -8.85
CA GLY A 49 15.19 4.60 -9.29
C GLY A 49 15.52 3.18 -8.86
N GLN A 50 14.49 2.32 -8.84
CA GLN A 50 14.67 0.93 -8.43
C GLN A 50 13.87 0.01 -9.35
N ASN A 51 14.37 -1.21 -9.54
CA ASN A 51 13.69 -2.18 -10.39
C ASN A 51 14.18 -3.60 -10.09
N PRO A 52 14.01 -4.05 -8.87
CA PRO A 52 14.44 -5.41 -8.46
C PRO A 52 13.50 -6.50 -8.99
N THR A 53 13.69 -7.72 -8.50
CA THR A 53 12.85 -8.84 -8.92
C THR A 53 11.49 -8.79 -8.22
N PRO A 54 10.46 -9.31 -8.84
CA PRO A 54 9.09 -9.32 -8.23
C PRO A 54 8.99 -10.26 -7.04
N GLU A 55 10.06 -11.02 -6.81
CA GLU A 55 10.10 -11.97 -5.69
C GLU A 55 10.44 -11.26 -4.39
N GLU A 56 11.34 -10.28 -4.47
CA GLU A 56 11.75 -9.53 -3.29
C GLU A 56 10.71 -8.47 -2.94
N LEU A 57 10.01 -7.99 -3.95
CA LEU A 57 8.99 -6.96 -3.74
C LEU A 57 7.79 -7.56 -2.99
N GLN A 58 7.54 -8.84 -3.22
CA GLN A 58 6.41 -9.51 -2.56
C GLN A 58 6.60 -9.50 -1.05
N GLU A 59 7.84 -9.42 -0.60
CA GLU A 59 8.13 -9.40 0.83
C GLU A 59 7.48 -8.19 1.48
N MET A 60 7.20 -7.16 0.69
CA MET A 60 6.58 -5.94 1.19
C MET A 60 5.06 -6.12 1.31
N ILE A 61 4.50 -6.98 0.47
CA ILE A 61 3.06 -7.24 0.48
C ILE A 61 2.73 -8.40 1.42
N ASP A 62 3.70 -9.30 1.59
CA ASP A 62 3.49 -10.47 2.45
C ASP A 62 3.41 -10.06 3.92
N GLU A 63 3.92 -8.88 4.25
CA GLU A 63 3.89 -8.39 5.62
C GLU A 63 2.51 -7.82 5.96
N VAL A 64 1.92 -7.11 5.01
CA VAL A 64 0.60 -6.51 5.23
C VAL A 64 -0.51 -7.49 4.87
N ASP A 65 -0.16 -8.55 4.16
CA ASP A 65 -1.14 -9.55 3.77
C ASP A 65 -1.76 -10.21 5.01
N GLU A 66 -2.60 -9.46 5.71
CA GLU A 66 -3.24 -9.99 6.90
C GLU A 66 -4.38 -10.92 6.52
N ASP A 67 -4.32 -11.45 5.30
CA ASP A 67 -5.36 -12.35 4.81
C ASP A 67 -4.81 -13.26 3.72
N GLY A 68 -3.49 -13.22 3.53
CA GLY A 68 -2.84 -14.04 2.51
C GLY A 68 -3.63 -13.99 1.19
N SER A 69 -3.37 -12.96 0.40
CA SER A 69 -4.05 -12.81 -0.89
C SER A 69 -3.15 -12.09 -1.89
N GLY A 70 -1.99 -11.64 -1.43
CA GLY A 70 -1.06 -10.94 -2.30
C GLY A 70 -1.74 -9.78 -3.02
N THR A 71 -2.42 -8.93 -2.25
CA THR A 71 -3.12 -7.78 -2.82
C THR A 71 -3.19 -6.64 -1.81
N VAL A 72 -2.65 -5.48 -2.18
CA VAL A 72 -2.66 -4.32 -1.29
C VAL A 72 -3.94 -3.52 -1.47
N ASP A 73 -5.04 -4.06 -0.95
CA ASP A 73 -6.32 -3.37 -1.07
C ASP A 73 -6.32 -2.09 -0.27
N PHE A 74 -7.27 -1.20 -0.57
CA PHE A 74 -7.37 0.08 0.13
C PHE A 74 -7.66 -0.13 1.61
N ASP A 75 -7.74 -1.39 2.03
CA ASP A 75 -8.02 -1.71 3.43
C ASP A 75 -6.73 -1.83 4.23
N GLU A 76 -5.99 -2.91 4.02
CA GLU A 76 -4.74 -3.13 4.73
C GLU A 76 -3.69 -2.08 4.34
N PHE A 77 -4.02 -1.29 3.31
CA PHE A 77 -3.10 -0.25 2.85
C PHE A 77 -2.93 0.83 3.91
N LEU A 78 -4.03 1.48 4.27
CA LEU A 78 -3.99 2.53 5.27
C LEU A 78 -3.19 2.07 6.49
N VAL A 79 -3.18 0.77 6.73
CA VAL A 79 -2.44 0.22 7.87
C VAL A 79 -0.94 0.23 7.58
N MET A 80 -0.59 0.08 6.30
CA MET A 80 0.80 0.06 5.90
C MET A 80 1.53 1.31 6.40
N MET A 81 0.81 2.44 6.43
CA MET A 81 1.40 3.69 6.89
C MET A 81 1.41 3.75 8.42
N VAL A 82 0.23 3.63 9.02
CA VAL A 82 0.12 3.67 10.48
C VAL A 82 1.21 2.82 11.13
N ARG A 83 1.63 1.77 10.43
CA ARG A 83 2.67 0.89 10.96
C ARG A 83 4.04 1.55 10.83
N SER A 84 4.59 1.55 9.62
CA SER A 84 5.89 2.15 9.38
C SER A 84 5.99 3.52 10.04
N MET A 85 4.84 4.16 10.23
CA MET A 85 4.80 5.48 10.86
C MET A 85 4.97 5.35 12.38
N LYS A 86 3.90 4.91 13.04
CA LYS A 86 3.93 4.77 14.49
C LYS A 86 5.05 3.82 14.91
N ASP A 87 5.62 3.11 13.94
CA ASP A 87 6.69 2.16 14.21
C ASP A 87 7.50 1.89 12.95
N ASP A 88 8.58 2.64 12.77
CA ASP A 88 9.44 2.47 11.60
C ASP A 88 10.35 1.27 11.78
N SER A 89 10.05 0.19 11.06
CA SER A 89 10.86 -1.02 11.15
C SER A 89 10.47 -2.01 10.05
CA CA B . -3.46 -8.88 1.16
S1 WW7 C . 2.87 5.28 -2.02
O1 WW7 C . 1.65 5.45 -1.32
O2 WW7 C . 2.96 5.87 -3.33
N1 WW7 C . 4.11 6.01 -1.04
C4 WW7 C . 3.91 0.70 -2.39
C3 WW7 C . 4.92 1.67 -2.02
C2 WW7 C . 4.59 3.10 -1.91
C1 WW7 C . 3.23 3.56 -2.18
C9 WW7 C . 2.19 2.61 -2.55
C10 WW7 C . 2.55 1.14 -2.66
CL1 WW7 C . 1.81 -1.52 -3.15
C5 WW7 C . 1.50 0.18 -3.03
C6 WW7 C . 0.15 0.64 -3.28
C7 WW7 C . -0.19 2.06 -3.19
C8 WW7 C . 0.82 3.04 -2.82
C11 WW7 C . 3.94 5.92 0.41
C12 WW7 C . 5.06 5.18 1.12
C14 WW7 C . 5.85 2.79 1.18
C13 WW7 C . 4.66 3.72 1.38
C15 WW7 C . 5.49 1.38 1.65
C16 WW7 C . 5.32 1.36 3.17
N2 WW7 C . 6.42 0.68 3.85
HN1 WW7 C . 4.14 6.97 -1.27
H4 WW7 C . 4.15 -0.27 -2.46
H3 WW7 C . 5.85 1.38 -1.83
H2 WW7 C . 5.29 3.76 -1.67
H6 WW7 C . -0.56 -0.03 -3.54
H7 WW7 C . -1.12 2.36 -3.36
H8 WW7 C . 0.58 4.01 -2.75
H111 WW7 C . 3.08 5.46 0.60
H112 WW7 C . 3.89 6.85 0.78
H121 WW7 C . 5.27 5.62 1.98
H122 WW7 C . 5.89 5.19 0.55
H141 WW7 C . 6.63 3.13 1.70
H142 WW7 C . 6.09 2.78 0.21
H131 WW7 C . 3.92 3.47 0.76
H132 WW7 C . 4.32 3.65 2.33
H151 WW7 C . 6.21 0.75 1.38
H152 WW7 C . 4.64 1.09 1.20
H161 WW7 C . 4.46 0.89 3.39
H162 WW7 C . 5.27 2.30 3.49
HN21 WW7 C . 6.85 0.04 3.22
HN22 WW7 C . 6.07 0.19 4.63
HN23 WW7 C . 7.09 1.36 4.15
N MET A 1 -10.97 -7.21 15.77
CA MET A 1 -11.17 -5.84 16.35
C MET A 1 -10.45 -4.82 15.47
N ASP A 2 -9.12 -4.83 15.54
CA ASP A 2 -8.32 -3.90 14.75
C ASP A 2 -8.82 -2.47 14.94
N ASP A 3 -9.19 -2.14 16.19
CA ASP A 3 -9.69 -0.80 16.50
C ASP A 3 -8.51 0.18 16.65
N ILE A 4 -7.51 -0.22 17.43
CA ILE A 4 -6.35 0.62 17.66
C ILE A 4 -5.87 1.27 16.36
N TYR A 5 -6.33 0.74 15.23
CA TYR A 5 -5.94 1.26 13.93
C TYR A 5 -6.87 2.40 13.50
N LYS A 6 -8.13 2.06 13.28
CA LYS A 6 -9.12 3.05 12.88
C LYS A 6 -9.03 4.29 13.76
N ALA A 7 -8.46 4.11 14.95
CA ALA A 7 -8.31 5.22 15.88
C ALA A 7 -7.33 6.26 15.35
N ALA A 8 -6.24 5.77 14.75
CA ALA A 8 -5.23 6.66 14.19
C ALA A 8 -5.69 7.24 12.86
N VAL A 9 -6.72 6.63 12.28
CA VAL A 9 -7.26 7.09 11.00
C VAL A 9 -8.10 8.35 11.21
N GLU A 10 -8.65 8.50 12.40
CA GLU A 10 -9.47 9.67 12.71
C GLU A 10 -8.61 10.93 12.81
N GLN A 11 -7.31 10.73 13.02
CA GLN A 11 -6.39 11.85 13.13
C GLN A 11 -6.06 12.42 11.75
N LEU A 12 -6.09 11.56 10.74
CA LEU A 12 -5.80 11.98 9.37
C LEU A 12 -6.94 12.83 8.82
N THR A 13 -6.63 14.07 8.47
CA THR A 13 -7.65 14.97 7.93
C THR A 13 -7.87 14.70 6.44
N GLU A 14 -9.05 15.06 5.95
CA GLU A 14 -9.37 14.85 4.54
C GLU A 14 -8.55 15.79 3.65
N GLU A 15 -7.23 15.65 3.70
CA GLU A 15 -6.35 16.48 2.90
C GLU A 15 -5.05 15.74 2.59
N GLN A 16 -4.54 15.01 3.58
CA GLN A 16 -3.30 14.25 3.40
C GLN A 16 -3.58 12.92 2.71
N LYS A 17 -4.82 12.73 2.28
CA LYS A 17 -5.22 11.49 1.60
C LYS A 17 -5.18 11.68 0.09
N ASN A 18 -5.60 12.86 -0.37
CA ASN A 18 -5.62 13.16 -1.79
C ASN A 18 -4.32 12.70 -2.46
N GLU A 19 -3.23 12.67 -1.70
CA GLU A 19 -1.94 12.25 -2.24
C GLU A 19 -1.88 10.73 -2.32
N PHE A 20 -2.26 10.05 -1.25
CA PHE A 20 -2.24 8.59 -1.22
C PHE A 20 -3.24 8.04 -2.24
N LYS A 21 -4.48 8.49 -2.15
CA LYS A 21 -5.52 8.04 -3.07
C LYS A 21 -5.09 8.25 -4.52
N ALA A 22 -4.23 9.24 -4.73
CA ALA A 22 -3.74 9.53 -6.09
C ALA A 22 -2.71 8.50 -6.51
N ALA A 23 -1.99 7.94 -5.54
CA ALA A 23 -0.98 6.94 -5.82
C ALA A 23 -1.60 5.72 -6.49
N PHE A 24 -2.65 5.17 -5.87
CA PHE A 24 -3.33 4.00 -6.42
C PHE A 24 -3.54 4.16 -7.93
N ASP A 25 -4.10 5.30 -8.32
CA ASP A 25 -4.36 5.57 -9.73
C ASP A 25 -3.12 5.23 -10.56
N ILE A 26 -1.95 5.52 -10.01
CA ILE A 26 -0.70 5.24 -10.71
C ILE A 26 -0.44 3.74 -10.77
N PHE A 27 -0.84 3.03 -9.72
CA PHE A 27 -0.65 1.59 -9.65
C PHE A 27 -1.68 0.88 -10.53
N VAL A 28 -2.95 0.97 -10.12
CA VAL A 28 -4.04 0.34 -10.86
C VAL A 28 -4.44 1.20 -12.05
N LEU A 29 -3.48 1.51 -12.91
CA LEU A 29 -3.75 2.34 -14.09
C LEU A 29 -4.32 1.48 -15.22
N GLY A 30 -4.96 0.36 -14.85
CA GLY A 30 -5.54 -0.54 -15.84
C GLY A 30 -6.16 -1.76 -15.18
N ALA A 31 -5.79 -2.00 -13.92
CA ALA A 31 -6.33 -3.14 -13.20
C ALA A 31 -7.85 -3.14 -13.23
N GLU A 32 -8.43 -4.28 -13.58
CA GLU A 32 -9.88 -4.41 -13.65
C GLU A 32 -10.54 -3.88 -12.37
N ASP A 33 -10.45 -4.68 -11.31
CA ASP A 33 -11.04 -4.29 -10.03
C ASP A 33 -10.13 -3.30 -9.30
N GLY A 34 -9.41 -3.79 -8.29
CA GLY A 34 -8.52 -2.94 -7.52
C GLY A 34 -7.56 -3.80 -6.68
N SER A 35 -6.49 -4.28 -7.31
CA SER A 35 -5.50 -5.10 -6.62
C SER A 35 -4.10 -4.83 -7.15
N ILE A 36 -3.25 -4.26 -6.31
CA ILE A 36 -1.88 -3.95 -6.71
C ILE A 36 -0.98 -5.17 -6.56
N SER A 37 -0.70 -5.84 -7.68
CA SER A 37 0.16 -7.02 -7.66
C SER A 37 1.62 -6.62 -7.77
N THR A 38 2.48 -7.61 -8.01
CA THR A 38 3.92 -7.35 -8.14
C THR A 38 4.23 -6.83 -9.54
N LYS A 39 3.23 -6.80 -10.41
CA LYS A 39 3.42 -6.33 -11.77
C LYS A 39 3.34 -4.81 -11.83
N GLU A 40 2.27 -4.25 -11.27
CA GLU A 40 2.08 -2.81 -11.28
C GLU A 40 2.91 -2.15 -10.17
N LEU A 41 3.64 -2.97 -9.42
CA LEU A 41 4.47 -2.44 -8.33
C LEU A 41 5.74 -1.80 -8.89
N GLY A 42 6.66 -2.64 -9.38
CA GLY A 42 7.91 -2.15 -9.93
C GLY A 42 7.68 -1.02 -10.93
N LYS A 43 6.73 -1.23 -11.83
CA LYS A 43 6.42 -0.23 -12.85
C LYS A 43 6.37 1.17 -12.24
N VAL A 44 5.76 1.29 -11.07
CA VAL A 44 5.66 2.58 -10.40
C VAL A 44 6.97 2.94 -9.72
N MET A 45 7.56 1.98 -9.01
CA MET A 45 8.82 2.21 -8.31
C MET A 45 9.97 2.30 -9.32
N ARG A 46 9.64 2.17 -10.60
CA ARG A 46 10.66 2.23 -11.64
C ARG A 46 11.06 3.68 -11.92
N MET A 47 10.10 4.58 -11.78
CA MET A 47 10.36 5.99 -12.02
C MET A 47 11.34 6.55 -10.99
N LEU A 48 11.25 6.05 -9.77
CA LEU A 48 12.14 6.50 -8.70
C LEU A 48 13.60 6.16 -9.04
N GLY A 49 13.95 4.89 -8.87
CA GLY A 49 15.31 4.44 -9.17
C GLY A 49 15.58 3.07 -8.57
N GLN A 50 14.69 2.12 -8.88
CA GLN A 50 14.83 0.75 -8.37
C GLN A 50 14.44 -0.25 -9.45
N ASN A 51 15.00 -1.46 -9.36
CA ASN A 51 14.70 -2.51 -10.34
C ASN A 51 15.09 -3.88 -9.80
N PRO A 52 14.51 -4.27 -8.70
CA PRO A 52 14.79 -5.60 -8.07
C PRO A 52 14.12 -6.75 -8.81
N THR A 53 14.23 -7.95 -8.27
CA THR A 53 13.62 -9.13 -8.87
C THR A 53 12.13 -9.19 -8.53
N PRO A 54 11.32 -9.79 -9.38
CA PRO A 54 9.85 -9.91 -9.14
C PRO A 54 9.54 -10.91 -8.03
N GLU A 55 10.44 -11.01 -7.04
CA GLU A 55 10.27 -11.93 -5.92
C GLU A 55 10.50 -11.21 -4.60
N GLU A 56 11.31 -10.16 -4.63
CA GLU A 56 11.61 -9.40 -3.43
C GLU A 56 10.47 -8.44 -3.10
N LEU A 57 9.61 -8.20 -4.09
CA LEU A 57 8.48 -7.31 -3.89
C LEU A 57 7.39 -8.00 -3.06
N GLN A 58 6.99 -9.18 -3.50
CA GLN A 58 5.95 -9.93 -2.80
C GLN A 58 6.22 -9.93 -1.30
N GLU A 59 7.46 -9.63 -0.92
CA GLU A 59 7.83 -9.60 0.48
C GLU A 59 7.20 -8.40 1.18
N MET A 60 7.11 -7.28 0.45
CA MET A 60 6.52 -6.07 1.00
C MET A 60 5.00 -6.21 1.09
N ILE A 61 4.41 -6.86 0.10
CA ILE A 61 2.96 -7.05 0.08
C ILE A 61 2.57 -8.15 1.06
N ASP A 62 3.52 -8.99 1.43
CA ASP A 62 3.26 -10.09 2.36
C ASP A 62 2.98 -9.57 3.76
N GLU A 63 3.98 -8.92 4.36
CA GLU A 63 3.85 -8.38 5.71
C GLU A 63 2.49 -7.71 5.91
N VAL A 64 2.08 -6.88 4.94
CA VAL A 64 0.80 -6.18 5.04
C VAL A 64 -0.36 -7.14 4.79
N ASP A 65 -0.24 -7.98 3.76
CA ASP A 65 -1.30 -8.92 3.43
C ASP A 65 -1.57 -9.85 4.61
N GLU A 66 -2.32 -9.34 5.58
CA GLU A 66 -2.66 -10.15 6.75
C GLU A 66 -3.68 -11.21 6.39
N ASP A 67 -4.44 -10.95 5.33
CA ASP A 67 -5.46 -11.89 4.87
C ASP A 67 -4.85 -12.91 3.90
N GLY A 68 -3.59 -12.68 3.52
CA GLY A 68 -2.91 -13.57 2.61
C GLY A 68 -3.67 -13.68 1.29
N SER A 69 -3.47 -12.70 0.42
CA SER A 69 -4.14 -12.67 -0.89
C SER A 69 -3.20 -12.15 -1.97
N GLY A 70 -2.16 -11.45 -1.56
CA GLY A 70 -1.19 -10.90 -2.50
C GLY A 70 -1.73 -9.63 -3.16
N THR A 71 -2.26 -8.73 -2.34
CA THR A 71 -2.81 -7.47 -2.85
C THR A 71 -2.66 -6.36 -1.80
N VAL A 72 -2.95 -5.12 -2.21
CA VAL A 72 -2.84 -3.97 -1.30
C VAL A 72 -3.94 -2.97 -1.59
N ASP A 73 -5.12 -3.22 -1.02
CA ASP A 73 -6.27 -2.32 -1.21
C ASP A 73 -6.17 -1.14 -0.25
N PHE A 74 -6.95 -0.10 -0.52
CA PHE A 74 -6.95 1.08 0.33
C PHE A 74 -7.17 0.70 1.79
N ASP A 75 -7.49 -0.57 2.03
CA ASP A 75 -7.73 -1.05 3.39
C ASP A 75 -6.42 -1.29 4.11
N GLU A 76 -5.91 -2.52 4.02
CA GLU A 76 -4.66 -2.88 4.68
C GLU A 76 -3.55 -1.89 4.33
N PHE A 77 -3.81 -1.03 3.35
CA PHE A 77 -2.81 -0.04 2.95
C PHE A 77 -2.54 0.94 4.07
N LEU A 78 -3.60 1.55 4.60
CA LEU A 78 -3.46 2.50 5.69
C LEU A 78 -2.64 1.90 6.83
N VAL A 79 -2.71 0.58 6.98
CA VAL A 79 -1.97 -0.10 8.03
C VAL A 79 -0.48 -0.09 7.73
N MET A 80 -0.14 0.09 6.45
CA MET A 80 1.25 0.13 6.04
C MET A 80 1.92 1.41 6.50
N MET A 81 1.20 2.52 6.39
CA MET A 81 1.73 3.82 6.80
C MET A 81 1.69 3.96 8.32
N VAL A 82 0.51 3.80 8.89
CA VAL A 82 0.34 3.92 10.35
C VAL A 82 1.45 3.16 11.06
N ARG A 83 1.49 1.85 10.86
CA ARG A 83 2.52 1.02 11.51
C ARG A 83 3.89 1.65 11.35
N SER A 84 4.33 1.82 10.10
CA SER A 84 5.62 2.41 9.83
C SER A 84 5.78 3.73 10.58
N MET A 85 4.70 4.50 10.65
CA MET A 85 4.74 5.78 11.34
C MET A 85 4.80 5.57 12.85
N LYS A 86 3.69 5.11 13.42
CA LYS A 86 3.63 4.88 14.87
C LYS A 86 4.82 4.03 15.32
N ASP A 87 5.44 3.34 14.38
CA ASP A 87 6.59 2.49 14.68
C ASP A 87 7.43 2.25 13.44
N ASP A 88 8.52 2.99 13.30
CA ASP A 88 9.40 2.84 12.15
C ASP A 88 10.31 1.64 12.33
N SER A 89 10.36 0.79 11.31
CA SER A 89 11.21 -0.41 11.36
C SER A 89 11.41 -0.99 9.97
CA CA B . -3.82 -8.31 0.94
S1 WW7 C . 3.57 5.08 -2.50
O1 WW7 C . 2.59 5.59 -3.40
O2 WW7 C . 4.93 5.55 -2.69
N1 WW7 C . 3.07 5.52 -0.90
C4 WW7 C . 3.76 0.37 -2.75
C3 WW7 C . 4.97 1.17 -2.72
C2 WW7 C . 4.89 2.63 -2.65
C1 WW7 C . 3.60 3.31 -2.60
C9 WW7 C . 2.37 2.53 -2.64
C10 WW7 C . 2.45 1.02 -2.71
CL1 WW7 C . 1.21 -1.49 -2.79
C5 WW7 C . 1.22 0.24 -2.73
C6 WW7 C . -0.07 0.92 -2.69
C7 WW7 C . -0.15 2.38 -2.61
C8 WW7 C . 1.07 3.18 -2.59
C11 WW7 C . 4.07 6.19 -0.06
C12 WW7 C . 4.67 5.30 1.02
C14 WW7 C . 5.64 3.04 1.49
C13 WW7 C . 4.91 3.89 0.46
C15 WW7 C . 6.00 1.69 0.88
C16 WW7 C . 6.18 0.64 1.98
N2 WW7 C . 6.96 1.13 3.11
HN1 WW7 C . 2.80 4.68 -0.43
H4 WW7 C . 3.81 -0.64 -2.80
H3 WW7 C . 5.86 0.72 -2.75
H2 WW7 C . 5.74 3.17 -2.63
H6 WW7 C . -0.92 0.38 -2.69
H7 WW7 C . -1.04 2.83 -2.58
H8 WW7 C . 1.01 4.19 -2.54
H111 WW7 C . 3.62 6.98 0.38
H112 WW7 C . 4.80 6.53 -0.65
H121 WW7 C . 4.06 5.26 1.80
H122 WW7 C . 5.55 5.70 1.31
H141 WW7 C . 5.06 2.91 2.29
H142 WW7 C . 6.47 3.52 1.78
H131 WW7 C . 5.44 3.95 -0.38
H132 WW7 C . 4.01 3.48 0.24
H151 WW7 C . 6.85 1.77 0.35
H152 WW7 C . 5.26 1.40 0.25
H161 WW7 C . 6.63 -0.16 1.60
H162 WW7 C . 5.26 0.37 2.31
HN21 WW7 C . 6.43 1.85 3.58
HN22 WW7 C . 7.81 1.52 2.78
HN23 WW7 C . 7.14 0.39 3.74
N MET A 1 -11.57 -6.77 15.23
CA MET A 1 -11.61 -5.45 15.92
C MET A 1 -10.82 -4.43 15.11
N ASP A 2 -9.50 -4.52 15.18
CA ASP A 2 -8.64 -3.61 14.45
C ASP A 2 -9.07 -2.16 14.68
N ASP A 3 -9.51 -1.87 15.90
CA ASP A 3 -9.97 -0.52 16.24
C ASP A 3 -8.77 0.40 16.49
N ILE A 4 -7.82 -0.07 17.29
CA ILE A 4 -6.64 0.71 17.62
C ILE A 4 -6.07 1.39 16.38
N TYR A 5 -6.50 0.93 15.20
CA TYR A 5 -6.02 1.49 13.94
C TYR A 5 -6.88 2.70 13.54
N LYS A 6 -8.20 2.51 13.57
CA LYS A 6 -9.11 3.58 13.21
C LYS A 6 -8.83 4.84 14.02
N ALA A 7 -8.56 4.65 15.31
CA ALA A 7 -8.27 5.78 16.19
C ALA A 7 -7.26 6.73 15.53
N ALA A 8 -6.30 6.15 14.81
CA ALA A 8 -5.28 6.94 14.14
C ALA A 8 -5.85 7.61 12.89
N VAL A 9 -6.82 6.94 12.27
CA VAL A 9 -7.45 7.47 11.06
C VAL A 9 -8.21 8.76 11.38
N GLU A 10 -8.42 9.02 12.67
CA GLU A 10 -9.13 10.21 13.09
C GLU A 10 -8.21 11.43 13.04
N GLN A 11 -6.92 11.19 13.22
CA GLN A 11 -5.93 12.27 13.20
C GLN A 11 -5.65 12.70 11.75
N LEU A 12 -5.90 11.81 10.81
CA LEU A 12 -5.67 12.11 9.41
C LEU A 12 -6.79 12.97 8.85
N THR A 13 -6.47 14.21 8.50
CA THR A 13 -7.46 15.12 7.96
C THR A 13 -8.07 14.56 6.66
N GLU A 14 -8.07 15.37 5.60
CA GLU A 14 -8.62 14.94 4.31
C GLU A 14 -7.70 15.39 3.18
N GLU A 15 -6.78 16.31 3.49
CA GLU A 15 -5.85 16.81 2.49
C GLU A 15 -4.70 15.82 2.28
N GLN A 16 -4.39 15.06 3.33
CA GLN A 16 -3.32 14.09 3.26
C GLN A 16 -3.80 12.80 2.60
N LYS A 17 -5.12 12.70 2.41
CA LYS A 17 -5.71 11.52 1.80
C LYS A 17 -5.51 11.56 0.29
N ASN A 18 -5.80 12.71 -0.31
CA ASN A 18 -5.65 12.86 -1.76
C ASN A 18 -4.24 12.50 -2.19
N GLU A 19 -3.28 12.73 -1.31
CA GLU A 19 -1.88 12.42 -1.61
C GLU A 19 -1.72 10.93 -1.91
N PHE A 20 -2.32 10.10 -1.07
CA PHE A 20 -2.24 8.65 -1.24
C PHE A 20 -3.10 8.21 -2.42
N LYS A 21 -4.39 8.53 -2.36
CA LYS A 21 -5.31 8.15 -3.42
C LYS A 21 -4.71 8.45 -4.79
N ALA A 22 -3.86 9.47 -4.86
CA ALA A 22 -3.22 9.84 -6.12
C ALA A 22 -2.25 8.75 -6.56
N ALA A 23 -1.64 8.08 -5.59
CA ALA A 23 -0.69 7.01 -5.90
C ALA A 23 -1.41 5.83 -6.55
N PHE A 24 -2.51 5.40 -5.93
CA PHE A 24 -3.27 4.27 -6.44
C PHE A 24 -3.47 4.41 -7.95
N ASP A 25 -3.95 5.58 -8.37
CA ASP A 25 -4.17 5.82 -9.80
C ASP A 25 -2.96 5.39 -10.61
N ILE A 26 -1.78 5.54 -10.02
CA ILE A 26 -0.55 5.15 -10.71
C ILE A 26 -0.40 3.64 -10.74
N PHE A 27 -0.76 2.99 -9.63
CA PHE A 27 -0.66 1.54 -9.55
C PHE A 27 -1.73 0.89 -10.44
N VAL A 28 -2.98 1.13 -10.12
CA VAL A 28 -4.09 0.56 -10.88
C VAL A 28 -4.45 1.48 -12.06
N LEU A 29 -3.47 1.74 -12.91
CA LEU A 29 -3.70 2.60 -14.07
C LEU A 29 -4.44 1.84 -15.17
N GLY A 30 -4.95 0.67 -14.84
CA GLY A 30 -5.68 -0.15 -15.81
C GLY A 30 -6.09 -1.49 -15.21
N ALA A 31 -6.16 -1.54 -13.88
CA ALA A 31 -6.54 -2.78 -13.20
C ALA A 31 -8.05 -2.95 -13.24
N GLU A 32 -8.49 -4.21 -13.22
CA GLU A 32 -9.92 -4.52 -13.25
C GLU A 32 -10.65 -3.77 -12.14
N ASP A 33 -10.64 -4.34 -10.95
CA ASP A 33 -11.30 -3.71 -9.81
C ASP A 33 -10.47 -2.57 -9.26
N GLY A 34 -9.32 -2.89 -8.68
CA GLY A 34 -8.44 -1.88 -8.12
C GLY A 34 -7.39 -2.52 -7.22
N SER A 35 -7.04 -3.77 -7.50
CA SER A 35 -6.04 -4.48 -6.70
C SER A 35 -4.64 -4.19 -7.23
N ILE A 36 -3.64 -4.59 -6.44
CA ILE A 36 -2.24 -4.38 -6.82
C ILE A 36 -1.44 -5.67 -6.66
N SER A 37 -0.35 -5.78 -7.41
CA SER A 37 0.49 -6.97 -7.33
C SER A 37 1.88 -6.68 -7.89
N THR A 38 2.81 -7.61 -7.70
CA THR A 38 4.17 -7.45 -8.17
C THR A 38 4.17 -6.95 -9.62
N LYS A 39 3.03 -7.03 -10.28
CA LYS A 39 2.92 -6.59 -11.67
C LYS A 39 2.91 -5.07 -11.75
N GLU A 40 1.95 -4.45 -11.07
CA GLU A 40 1.84 -2.99 -11.07
C GLU A 40 2.68 -2.37 -9.95
N LEU A 41 3.42 -3.21 -9.23
CA LEU A 41 4.26 -2.74 -8.14
C LEU A 41 5.54 -2.10 -8.68
N GLY A 42 6.42 -2.92 -9.23
CA GLY A 42 7.68 -2.44 -9.77
C GLY A 42 7.46 -1.30 -10.76
N LYS A 43 6.49 -1.47 -11.65
CA LYS A 43 6.19 -0.44 -12.65
C LYS A 43 6.22 0.94 -12.03
N VAL A 44 5.73 1.05 -10.80
CA VAL A 44 5.70 2.35 -10.11
C VAL A 44 7.07 2.67 -9.53
N MET A 45 7.81 1.64 -9.13
CA MET A 45 9.13 1.83 -8.55
C MET A 45 10.14 2.19 -9.64
N ARG A 46 9.67 2.22 -10.89
CA ARG A 46 10.55 2.55 -12.00
C ARG A 46 10.77 4.06 -12.10
N MET A 47 9.68 4.81 -12.00
CA MET A 47 9.76 6.27 -12.06
C MET A 47 10.88 6.78 -11.15
N LEU A 48 10.85 6.35 -9.90
CA LEU A 48 11.86 6.79 -8.93
C LEU A 48 13.26 6.47 -9.46
N GLY A 49 13.69 5.23 -9.25
CA GLY A 49 15.02 4.81 -9.71
C GLY A 49 15.37 3.44 -9.16
N GLN A 50 14.40 2.54 -9.15
CA GLN A 50 14.61 1.18 -8.63
C GLN A 50 13.95 0.17 -9.56
N ASN A 51 14.39 -1.09 -9.47
CA ASN A 51 13.84 -2.15 -10.30
C ASN A 51 14.38 -3.51 -9.86
N PRO A 52 14.08 -3.91 -8.64
CA PRO A 52 14.53 -5.21 -8.08
C PRO A 52 13.70 -6.38 -8.61
N THR A 53 14.07 -7.59 -8.21
CA THR A 53 13.35 -8.79 -8.65
C THR A 53 11.99 -8.86 -7.96
N PRO A 54 11.02 -9.50 -8.59
CA PRO A 54 9.66 -9.64 -7.99
C PRO A 54 9.65 -10.55 -6.76
N GLU A 55 10.79 -11.18 -6.50
CA GLU A 55 10.91 -12.08 -5.36
C GLU A 55 11.11 -11.28 -4.08
N GLU A 56 11.88 -10.20 -4.19
CA GLU A 56 12.15 -9.35 -3.03
C GLU A 56 10.97 -8.41 -2.76
N LEU A 57 10.23 -8.09 -3.82
CA LEU A 57 9.08 -7.19 -3.69
C LEU A 57 7.93 -7.92 -3.01
N GLN A 58 7.57 -9.09 -3.54
CA GLN A 58 6.48 -9.87 -2.98
C GLN A 58 6.56 -9.90 -1.45
N GLU A 59 7.73 -9.58 -0.92
CA GLU A 59 7.93 -9.57 0.53
C GLU A 59 7.01 -8.56 1.18
N MET A 60 7.21 -7.28 0.87
CA MET A 60 6.39 -6.22 1.44
C MET A 60 4.91 -6.58 1.36
N ILE A 61 4.54 -7.32 0.31
CA ILE A 61 3.15 -7.73 0.13
C ILE A 61 2.82 -8.90 1.06
N ASP A 62 3.51 -10.01 0.87
CA ASP A 62 3.27 -11.20 1.71
C ASP A 62 3.20 -10.81 3.19
N GLU A 63 3.66 -9.60 3.50
CA GLU A 63 3.65 -9.14 4.88
C GLU A 63 2.27 -8.60 5.26
N VAL A 64 2.06 -7.30 5.07
CA VAL A 64 0.79 -6.67 5.40
C VAL A 64 -0.38 -7.54 4.93
N ASP A 65 -0.11 -8.43 3.98
CA ASP A 65 -1.16 -9.30 3.46
C ASP A 65 -1.76 -10.14 4.58
N GLU A 66 -2.69 -9.56 5.32
CA GLU A 66 -3.33 -10.27 6.41
C GLU A 66 -4.37 -11.24 5.87
N ASP A 67 -4.13 -11.73 4.65
CA ASP A 67 -5.05 -12.68 4.01
C ASP A 67 -4.31 -13.50 2.95
N GLY A 68 -2.99 -13.38 2.93
CA GLY A 68 -2.18 -14.11 1.96
C GLY A 68 -2.80 -14.03 0.57
N SER A 69 -3.48 -12.92 0.30
CA SER A 69 -4.11 -12.73 -1.00
C SER A 69 -3.07 -12.32 -2.06
N GLY A 70 -1.91 -11.91 -1.59
CA GLY A 70 -0.84 -11.49 -2.50
C GLY A 70 -1.21 -10.21 -3.22
N THR A 71 -1.78 -9.25 -2.47
CA THR A 71 -2.18 -7.98 -3.04
C THR A 71 -2.13 -6.88 -1.99
N VAL A 72 -2.65 -5.71 -2.34
CA VAL A 72 -2.67 -4.57 -1.41
C VAL A 72 -3.88 -3.67 -1.70
N ASP A 73 -5.00 -4.00 -1.07
CA ASP A 73 -6.22 -3.21 -1.26
C ASP A 73 -6.11 -1.88 -0.53
N PHE A 74 -7.25 -1.23 -0.32
CA PHE A 74 -7.27 0.06 0.37
C PHE A 74 -7.41 -0.14 1.88
N ASP A 75 -7.35 -1.40 2.32
CA ASP A 75 -7.46 -1.72 3.74
C ASP A 75 -6.09 -1.85 4.40
N GLU A 76 -5.52 -3.05 4.34
CA GLU A 76 -4.21 -3.30 4.94
C GLU A 76 -3.22 -2.21 4.56
N PHE A 77 -3.58 -1.40 3.56
CA PHE A 77 -2.71 -0.33 3.11
C PHE A 77 -2.54 0.72 4.21
N LEU A 78 -3.63 1.41 4.53
CA LEU A 78 -3.59 2.44 5.56
C LEU A 78 -2.86 1.93 6.79
N VAL A 79 -2.79 0.62 6.94
CA VAL A 79 -2.11 0.01 8.08
C VAL A 79 -0.60 0.05 7.89
N MET A 80 -0.16 -0.09 6.64
CA MET A 80 1.26 -0.07 6.33
C MET A 80 1.87 1.28 6.71
N MET A 81 1.09 2.34 6.57
CA MET A 81 1.56 3.69 6.89
C MET A 81 1.52 3.93 8.39
N VAL A 82 0.32 3.84 8.97
CA VAL A 82 0.14 4.04 10.39
C VAL A 82 1.22 3.31 11.18
N ARG A 83 1.40 2.03 10.88
CA ARG A 83 2.40 1.23 11.57
C ARG A 83 3.80 1.82 11.37
N SER A 84 4.28 1.79 10.14
CA SER A 84 5.59 2.34 9.83
C SER A 84 5.77 3.72 10.44
N MET A 85 4.67 4.49 10.48
CA MET A 85 4.71 5.83 11.04
C MET A 85 4.71 5.78 12.57
N LYS A 86 3.55 5.44 13.14
CA LYS A 86 3.43 5.36 14.58
C LYS A 86 4.59 4.56 15.18
N ASP A 87 5.20 3.72 14.35
CA ASP A 87 6.33 2.91 14.81
C ASP A 87 7.14 2.42 13.62
N ASP A 88 8.23 3.12 13.32
CA ASP A 88 9.09 2.74 12.21
C ASP A 88 9.98 1.56 12.60
N SER A 89 10.21 0.66 11.64
CA SER A 89 11.05 -0.51 11.88
C SER A 89 11.30 -1.27 10.59
CA CA B . -3.20 -8.72 0.79
S1 WW7 C . 3.28 4.85 -2.08
O1 WW7 C . 2.37 5.38 -3.04
O2 WW7 C . 4.61 5.41 -2.08
N1 WW7 C . 2.58 5.16 -0.52
C4 WW7 C . 3.76 0.20 -2.60
C3 WW7 C . 4.92 1.06 -2.40
C2 WW7 C . 4.75 2.50 -2.24
C1 WW7 C . 3.42 3.11 -2.29
C9 WW7 C . 2.26 2.27 -2.50
C10 WW7 C . 2.42 0.78 -2.66
CL1 WW7 C . 1.35 -1.78 -3.03
C5 WW7 C . 1.25 -0.07 -2.86
C6 WW7 C . -0.07 0.54 -2.91
C7 WW7 C . -0.24 1.98 -2.74
C8 WW7 C . 0.91 2.85 -2.55
C11 WW7 C . 3.26 6.12 0.34
C12 WW7 C . 3.69 5.55 1.69
C14 WW7 C . 4.34 3.23 1.01
C13 WW7 C . 4.87 4.59 1.50
C15 WW7 C . 5.02 2.10 1.79
C16 WW7 C . 5.83 1.21 0.83
N2 WW7 C . 6.96 1.91 0.23
HN1 WW7 C . 2.56 4.29 -0.03
H4 WW7 C . 3.89 -0.79 -2.71
H3 WW7 C . 5.83 0.66 -2.36
H2 WW7 C . 5.56 3.08 -2.10
H6 WW7 C . -0.88 -0.04 -3.04
H7 WW7 C . -1.16 2.39 -2.78
H8 WW7 C . 0.79 3.84 -2.45
H111 WW7 C . 2.65 6.89 0.50
H112 WW7 C . 4.08 6.45 -0.14
H121 WW7 C . 2.93 5.08 2.12
H122 WW7 C . 3.98 6.31 2.29
H141 WW7 C . 4.53 3.13 0.03
H142 WW7 C . 3.36 3.20 1.15
H131 WW7 C . 5.35 4.47 2.36
H132 WW7 C . 5.50 4.97 0.83
H151 WW7 C . 4.34 1.55 2.26
H152 WW7 C . 5.64 2.50 2.47
H161 WW7 C . 5.23 0.89 0.11
H162 WW7 C . 6.18 0.43 1.35
HN21 WW7 C . 7.69 2.00 0.91
HN22 WW7 C . 6.67 2.83 -0.04
HN23 WW7 C . 7.28 1.41 -0.57
N MET A 1 -10.38 -6.66 15.48
CA MET A 1 -11.10 -5.37 15.71
C MET A 1 -10.28 -4.23 15.14
N ASP A 2 -8.97 -4.26 15.39
CA ASP A 2 -8.08 -3.22 14.90
C ASP A 2 -8.65 -1.84 15.21
N ASP A 3 -8.81 -1.55 16.49
CA ASP A 3 -9.36 -0.25 16.91
C ASP A 3 -8.27 0.82 16.90
N ILE A 4 -7.24 0.62 17.72
CA ILE A 4 -6.14 1.58 17.80
C ILE A 4 -5.70 2.04 16.42
N TYR A 5 -6.12 1.30 15.39
CA TYR A 5 -5.76 1.65 14.02
C TYR A 5 -6.82 2.57 13.40
N LYS A 6 -8.09 2.21 13.58
CA LYS A 6 -9.18 3.01 13.05
C LYS A 6 -9.29 4.34 13.79
N ALA A 7 -8.77 4.36 15.01
CA ALA A 7 -8.81 5.57 15.82
C ALA A 7 -7.95 6.67 15.20
N ALA A 8 -6.87 6.26 14.53
CA ALA A 8 -5.96 7.21 13.89
C ALA A 8 -6.55 7.69 12.58
N VAL A 9 -7.17 6.78 11.83
CA VAL A 9 -7.77 7.13 10.54
C VAL A 9 -8.70 8.34 10.70
N GLU A 10 -9.22 8.51 11.90
CA GLU A 10 -10.12 9.63 12.17
C GLU A 10 -9.35 10.94 12.29
N GLN A 11 -8.07 10.83 12.67
CA GLN A 11 -7.23 12.01 12.81
C GLN A 11 -6.77 12.51 11.44
N LEU A 12 -6.70 11.59 10.48
CA LEU A 12 -6.27 11.95 9.12
C LEU A 12 -7.36 12.75 8.41
N THR A 13 -7.02 13.98 8.04
CA THR A 13 -7.98 14.83 7.34
C THR A 13 -8.11 14.42 5.88
N GLU A 14 -9.21 14.82 5.25
CA GLU A 14 -9.43 14.49 3.84
C GLU A 14 -8.38 15.16 2.95
N GLU A 15 -7.43 15.84 3.59
CA GLU A 15 -6.37 16.53 2.85
C GLU A 15 -5.22 15.57 2.53
N GLN A 16 -4.70 14.90 3.55
CA GLN A 16 -3.60 13.96 3.36
C GLN A 16 -4.09 12.67 2.71
N LYS A 17 -5.41 12.51 2.65
CA LYS A 17 -5.98 11.31 2.04
C LYS A 17 -5.94 11.42 0.52
N ASN A 18 -6.28 12.59 0.00
CA ASN A 18 -6.28 12.80 -1.44
C ASN A 18 -4.88 12.60 -2.01
N GLU A 19 -3.88 12.67 -1.14
CA GLU A 19 -2.50 12.50 -1.57
C GLU A 19 -2.22 11.02 -1.84
N PHE A 20 -2.74 10.15 -0.99
CA PHE A 20 -2.53 8.72 -1.16
C PHE A 20 -3.39 8.18 -2.30
N LYS A 21 -4.69 8.43 -2.23
CA LYS A 21 -5.61 7.97 -3.27
C LYS A 21 -5.05 8.28 -4.65
N ALA A 22 -4.15 9.25 -4.72
CA ALA A 22 -3.53 9.63 -5.98
C ALA A 22 -2.47 8.62 -6.38
N ALA A 23 -1.78 8.08 -5.38
CA ALA A 23 -0.73 7.10 -5.64
C ALA A 23 -1.32 5.86 -6.31
N PHE A 24 -2.36 5.29 -5.71
CA PHE A 24 -3.01 4.11 -6.26
C PHE A 24 -3.17 4.24 -7.77
N ASP A 25 -3.74 5.36 -8.21
CA ASP A 25 -3.96 5.59 -9.62
C ASP A 25 -2.69 5.28 -10.41
N ILE A 26 -1.55 5.68 -9.87
CA ILE A 26 -0.26 5.45 -10.53
C ILE A 26 0.02 3.95 -10.63
N PHE A 27 -0.41 3.20 -9.61
CA PHE A 27 -0.20 1.76 -9.59
C PHE A 27 -1.19 1.07 -10.52
N VAL A 28 -2.46 1.07 -10.12
CA VAL A 28 -3.51 0.44 -10.91
C VAL A 28 -3.98 1.38 -12.02
N LEU A 29 -3.04 1.82 -12.86
CA LEU A 29 -3.36 2.72 -13.95
C LEU A 29 -3.93 1.95 -15.14
N GLY A 30 -4.19 0.66 -14.93
CA GLY A 30 -4.73 -0.18 -15.99
C GLY A 30 -5.21 -1.52 -15.44
N ALA A 31 -5.57 -1.53 -14.17
CA ALA A 31 -6.04 -2.76 -13.53
C ALA A 31 -7.50 -3.04 -13.91
N GLU A 32 -7.91 -4.28 -13.77
CA GLU A 32 -9.28 -4.67 -14.09
C GLU A 32 -10.24 -4.26 -12.98
N ASP A 33 -10.14 -4.95 -11.84
CA ASP A 33 -11.00 -4.66 -10.70
C ASP A 33 -10.47 -3.46 -9.93
N GLY A 34 -9.39 -3.66 -9.18
CA GLY A 34 -8.80 -2.59 -8.40
C GLY A 34 -7.95 -3.15 -7.25
N SER A 35 -6.77 -3.67 -7.61
CA SER A 35 -5.87 -4.24 -6.60
C SER A 35 -4.43 -4.20 -7.10
N ILE A 36 -3.52 -3.76 -6.23
CA ILE A 36 -2.11 -3.69 -6.59
C ILE A 36 -1.45 -5.06 -6.52
N SER A 37 -0.32 -5.20 -7.18
CA SER A 37 0.40 -6.48 -7.19
C SER A 37 1.83 -6.29 -7.68
N THR A 38 2.68 -7.27 -7.38
CA THR A 38 4.08 -7.20 -7.80
C THR A 38 4.19 -6.80 -9.26
N LYS A 39 3.07 -6.88 -9.98
CA LYS A 39 3.06 -6.53 -11.39
C LYS A 39 3.04 -5.02 -11.57
N GLU A 40 2.08 -4.36 -10.92
CA GLU A 40 1.95 -2.91 -11.01
C GLU A 40 2.84 -2.22 -9.97
N LEU A 41 3.47 -3.03 -9.11
CA LEU A 41 4.35 -2.50 -8.09
C LEU A 41 5.64 -1.96 -8.71
N GLY A 42 6.44 -2.86 -9.25
CA GLY A 42 7.71 -2.48 -9.87
C GLY A 42 7.54 -1.25 -10.75
N LYS A 43 6.42 -1.18 -11.47
CA LYS A 43 6.16 -0.06 -12.35
C LYS A 43 6.47 1.26 -11.66
N VAL A 44 5.66 1.60 -10.66
CA VAL A 44 5.85 2.84 -9.91
C VAL A 44 7.30 2.99 -9.46
N MET A 45 7.85 1.92 -8.90
CA MET A 45 9.23 1.95 -8.43
C MET A 45 10.18 2.38 -9.54
N ARG A 46 9.70 2.33 -10.77
CA ARG A 46 10.52 2.72 -11.91
C ARG A 46 10.85 4.21 -11.84
N MET A 47 9.83 5.04 -11.72
CA MET A 47 10.02 6.48 -11.64
C MET A 47 11.13 6.82 -10.65
N LEU A 48 11.22 6.04 -9.57
CA LEU A 48 12.24 6.27 -8.56
C LEU A 48 13.62 5.91 -9.11
N GLY A 49 13.94 4.62 -9.12
CA GLY A 49 15.23 4.17 -9.62
C GLY A 49 15.52 2.74 -9.19
N GLN A 50 14.46 1.91 -9.15
CA GLN A 50 14.61 0.50 -8.77
C GLN A 50 13.72 -0.38 -9.64
N ASN A 51 14.10 -1.64 -9.78
CA ASN A 51 13.33 -2.58 -10.58
C ASN A 51 13.78 -4.01 -10.31
N PRO A 52 13.65 -4.45 -9.09
CA PRO A 52 14.04 -5.84 -8.68
C PRO A 52 13.02 -6.88 -9.15
N THR A 53 13.22 -8.13 -8.72
CA THR A 53 12.32 -9.21 -9.09
C THR A 53 11.04 -9.14 -8.26
N PRO A 54 9.94 -9.65 -8.78
CA PRO A 54 8.64 -9.64 -8.04
C PRO A 54 8.67 -10.57 -6.84
N GLU A 55 9.75 -11.31 -6.69
CA GLU A 55 9.90 -12.24 -5.57
C GLU A 55 10.31 -11.49 -4.31
N GLU A 56 11.10 -10.44 -4.49
CA GLU A 56 11.57 -9.65 -3.35
C GLU A 56 10.48 -8.67 -2.90
N LEU A 57 9.95 -7.90 -3.84
CA LEU A 57 8.90 -6.93 -3.51
C LEU A 57 7.76 -7.61 -2.76
N GLN A 58 7.36 -8.79 -3.23
CA GLN A 58 6.27 -9.52 -2.59
C GLN A 58 6.42 -9.48 -1.08
N GLU A 59 7.66 -9.52 -0.60
CA GLU A 59 7.92 -9.49 0.84
C GLU A 59 7.17 -8.32 1.48
N MET A 60 7.32 -7.14 0.90
CA MET A 60 6.65 -5.95 1.43
C MET A 60 5.14 -6.16 1.45
N ILE A 61 4.62 -6.76 0.38
CA ILE A 61 3.19 -7.01 0.27
C ILE A 61 2.80 -8.25 1.06
N ASP A 62 3.80 -9.04 1.45
CA ASP A 62 3.55 -10.26 2.21
C ASP A 62 3.11 -9.96 3.64
N GLU A 63 4.05 -9.49 4.45
CA GLU A 63 3.76 -9.18 5.85
C GLU A 63 2.40 -8.51 6.01
N VAL A 64 2.08 -7.57 5.12
CA VAL A 64 0.80 -6.87 5.18
C VAL A 64 -0.35 -7.76 4.74
N ASP A 65 -0.16 -8.47 3.63
CA ASP A 65 -1.20 -9.35 3.12
C ASP A 65 -1.56 -10.41 4.15
N GLU A 66 -2.35 -10.03 5.14
CA GLU A 66 -2.75 -10.95 6.19
C GLU A 66 -3.76 -11.96 5.64
N ASP A 67 -4.54 -11.52 4.66
CA ASP A 67 -5.54 -12.40 4.05
C ASP A 67 -4.90 -13.34 3.04
N GLY A 68 -3.70 -12.97 2.58
CA GLY A 68 -2.98 -13.78 1.61
C GLY A 68 -3.57 -13.62 0.21
N SER A 69 -4.07 -12.41 -0.07
CA SER A 69 -4.66 -12.13 -1.37
C SER A 69 -3.58 -11.80 -2.39
N GLY A 70 -2.43 -11.33 -1.91
CA GLY A 70 -1.33 -10.97 -2.79
C GLY A 70 -1.54 -9.59 -3.40
N THR A 71 -2.12 -8.68 -2.61
CA THR A 71 -2.39 -7.33 -3.08
C THR A 71 -2.35 -6.34 -1.92
N VAL A 72 -2.58 -5.06 -2.22
CA VAL A 72 -2.57 -4.01 -1.20
C VAL A 72 -3.77 -3.08 -1.38
N ASP A 73 -4.89 -3.43 -0.76
CA ASP A 73 -6.10 -2.64 -0.86
C ASP A 73 -6.07 -1.48 0.13
N PHE A 74 -6.94 -0.50 -0.07
CA PHE A 74 -7.00 0.65 0.82
C PHE A 74 -7.19 0.22 2.28
N ASP A 75 -7.35 -1.08 2.49
CA ASP A 75 -7.54 -1.60 3.83
C ASP A 75 -6.20 -1.78 4.55
N GLU A 76 -5.53 -2.90 4.29
CA GLU A 76 -4.25 -3.18 4.92
C GLU A 76 -3.20 -2.14 4.50
N PHE A 77 -3.63 -1.16 3.71
CA PHE A 77 -2.71 -0.12 3.26
C PHE A 77 -2.43 0.86 4.39
N LEU A 78 -3.49 1.27 5.10
CA LEU A 78 -3.34 2.20 6.20
C LEU A 78 -2.67 1.52 7.39
N VAL A 79 -2.13 0.33 7.17
CA VAL A 79 -1.47 -0.44 8.22
C VAL A 79 0.05 -0.40 8.03
N MET A 80 0.50 -0.56 6.79
CA MET A 80 1.93 -0.55 6.50
C MET A 80 2.55 0.79 6.88
N MET A 81 1.85 1.87 6.56
CA MET A 81 2.34 3.21 6.85
C MET A 81 2.14 3.56 8.33
N VAL A 82 0.87 3.60 8.75
CA VAL A 82 0.55 3.93 10.14
C VAL A 82 1.51 3.25 11.11
N ARG A 83 1.88 2.01 10.80
CA ARG A 83 2.81 1.26 11.65
C ARG A 83 4.23 1.76 11.46
N SER A 84 4.72 1.68 10.22
CA SER A 84 6.08 2.13 9.92
C SER A 84 6.30 3.55 10.43
N MET A 85 5.21 4.32 10.50
CA MET A 85 5.30 5.69 10.97
C MET A 85 5.56 5.74 12.48
N LYS A 86 4.52 5.45 13.25
CA LYS A 86 4.64 5.46 14.71
C LYS A 86 5.91 4.73 15.15
N ASP A 87 6.37 3.80 14.30
CA ASP A 87 7.57 3.04 14.62
C ASP A 87 8.17 2.45 13.34
N ASP A 88 9.35 2.93 12.97
CA ASP A 88 10.02 2.45 11.77
C ASP A 88 10.70 1.10 12.04
N SER A 89 10.19 0.05 11.40
CA SER A 89 10.75 -1.28 11.58
C SER A 89 10.30 -2.20 10.45
CA CA B . -3.60 -8.45 0.85
S1 WW7 C . 3.72 5.32 -2.41
O1 WW7 C . 2.61 5.82 -3.14
O2 WW7 C . 5.02 5.81 -2.80
N1 WW7 C . 3.47 5.79 -0.75
C4 WW7 C . 3.94 0.60 -2.59
C3 WW7 C . 5.14 1.43 -2.66
C2 WW7 C . 5.04 2.89 -2.60
C1 WW7 C . 3.76 3.55 -2.48
C9 WW7 C . 2.54 2.75 -2.42
C10 WW7 C . 2.64 1.24 -2.47
CL1 WW7 C . 1.43 -1.28 -2.42
C5 WW7 C . 1.42 0.45 -2.38
C6 WW7 C . 0.12 1.10 -2.26
C7 WW7 C . 0.04 2.56 -2.20
C8 WW7 C . 1.23 3.39 -2.27
C11 WW7 C . 4.67 6.05 0.05
C12 WW7 C . 5.75 4.97 -0.07
C14 WW7 C . 5.47 2.61 0.71
C13 WW7 C . 5.72 4.05 1.15
C15 WW7 C . 4.46 1.95 1.64
C16 WW7 C . 3.32 1.33 0.82
N2 WW7 C . 3.59 -0.05 0.43
HN1 WW7 C . 2.97 5.05 -0.30
H4 WW7 C . 4.01 -0.39 -2.63
H3 WW7 C . 6.04 0.99 -2.75
H2 WW7 C . 5.88 3.44 -2.66
H6 WW7 C . -0.71 0.55 -2.20
H7 WW7 C . -0.86 3.00 -2.11
H8 WW7 C . 1.16 4.39 -2.24
H111 WW7 C . 4.40 6.11 1.02
H112 WW7 C . 5.05 6.92 -0.24
H121 WW7 C . 6.64 5.40 -0.15
H122 WW7 C . 5.58 4.44 -0.90
H141 WW7 C . 6.33 2.10 0.74
H142 WW7 C . 5.13 2.61 -0.23
H131 WW7 C . 5.00 4.34 1.78
H132 WW7 C . 6.60 4.11 1.63
H151 WW7 C . 4.08 2.63 2.27
H152 WW7 C . 4.91 1.24 2.17
H161 WW7 C . 3.19 1.88 -0.01
H162 WW7 C . 2.48 1.36 1.36
HN21 WW7 C . 3.07 -0.66 1.04
HN22 WW7 C . 4.57 -0.24 0.52
HN23 WW7 C . 3.30 -0.20 -0.52
N MET A 1 -10.47 -6.76 15.52
CA MET A 1 -11.06 -5.44 15.88
C MET A 1 -10.33 -4.34 15.14
N ASP A 2 -9.00 -4.38 15.19
CA ASP A 2 -8.18 -3.38 14.51
C ASP A 2 -8.70 -1.98 14.81
N ASP A 3 -9.15 -1.77 16.05
CA ASP A 3 -9.66 -0.47 16.45
C ASP A 3 -8.52 0.49 16.77
N ILE A 4 -7.55 0.02 17.56
CA ILE A 4 -6.42 0.85 17.93
C ILE A 4 -5.88 1.63 16.73
N TYR A 5 -6.28 1.21 15.52
CA TYR A 5 -5.83 1.88 14.30
C TYR A 5 -6.76 3.02 13.94
N LYS A 6 -8.07 2.73 13.92
CA LYS A 6 -9.06 3.74 13.58
C LYS A 6 -8.78 5.04 14.34
N ALA A 7 -8.19 4.90 15.53
CA ALA A 7 -7.87 6.08 16.35
C ALA A 7 -6.91 6.99 15.61
N ALA A 8 -5.92 6.41 14.94
CA ALA A 8 -4.94 7.19 14.19
C ALA A 8 -5.50 7.63 12.85
N VAL A 9 -6.61 7.02 12.45
CA VAL A 9 -7.23 7.35 11.18
C VAL A 9 -8.02 8.66 11.29
N GLU A 10 -8.77 8.80 12.38
CA GLU A 10 -9.57 10.01 12.59
C GLU A 10 -8.67 11.24 12.67
N GLN A 11 -7.38 11.01 12.91
CA GLN A 11 -6.42 12.11 13.00
C GLN A 11 -6.04 12.59 11.62
N LEU A 12 -6.19 11.73 10.62
CA LEU A 12 -5.86 12.09 9.24
C LEU A 12 -6.96 12.91 8.61
N THR A 13 -6.62 14.12 8.16
CA THR A 13 -7.60 15.00 7.54
C THR A 13 -7.91 14.54 6.12
N GLU A 14 -9.06 14.96 5.61
CA GLU A 14 -9.45 14.57 4.25
C GLU A 14 -8.52 15.20 3.22
N GLU A 15 -7.47 15.85 3.70
CA GLU A 15 -6.50 16.49 2.81
C GLU A 15 -5.41 15.51 2.41
N GLN A 16 -4.75 14.91 3.40
CA GLN A 16 -3.67 13.97 3.13
C GLN A 16 -4.23 12.66 2.55
N LYS A 17 -5.54 12.50 2.60
CA LYS A 17 -6.17 11.29 2.08
C LYS A 17 -6.17 11.31 0.56
N ASN A 18 -6.37 12.49 -0.02
CA ASN A 18 -6.39 12.63 -1.47
C ASN A 18 -5.00 12.43 -2.05
N GLU A 19 -3.99 12.57 -1.20
CA GLU A 19 -2.61 12.40 -1.64
C GLU A 19 -2.31 10.93 -1.95
N PHE A 20 -2.88 10.04 -1.14
CA PHE A 20 -2.67 8.61 -1.33
C PHE A 20 -3.51 8.09 -2.49
N LYS A 21 -4.83 8.27 -2.39
CA LYS A 21 -5.73 7.82 -3.44
C LYS A 21 -5.19 8.17 -4.82
N ALA A 22 -4.29 9.16 -4.86
CA ALA A 22 -3.70 9.58 -6.13
C ALA A 22 -2.65 8.58 -6.58
N ALA A 23 -1.92 8.01 -5.62
CA ALA A 23 -0.89 7.03 -5.94
C ALA A 23 -1.52 5.75 -6.47
N PHE A 24 -2.63 5.34 -5.85
CA PHE A 24 -3.32 4.12 -6.28
C PHE A 24 -3.55 4.15 -7.79
N ASP A 25 -4.23 5.19 -8.26
CA ASP A 25 -4.52 5.34 -9.69
C ASP A 25 -3.30 4.95 -10.52
N ILE A 26 -2.12 5.20 -9.99
CA ILE A 26 -0.89 4.88 -10.70
C ILE A 26 -0.62 3.37 -10.67
N PHE A 27 -0.61 2.81 -9.46
CA PHE A 27 -0.37 1.38 -9.31
C PHE A 27 -1.38 0.56 -10.11
N VAL A 28 -2.45 1.22 -10.57
CA VAL A 28 -3.48 0.55 -11.35
C VAL A 28 -4.12 1.53 -12.33
N LEU A 29 -3.29 2.14 -13.18
CA LEU A 29 -3.78 3.10 -14.17
C LEU A 29 -4.33 2.38 -15.40
N GLY A 30 -4.64 1.10 -15.25
CA GLY A 30 -5.16 0.32 -16.37
C GLY A 30 -5.83 -0.97 -15.88
N ALA A 31 -5.36 -1.48 -14.74
CA ALA A 31 -5.92 -2.70 -14.17
C ALA A 31 -7.43 -2.57 -14.01
N GLU A 32 -8.14 -3.65 -14.29
CA GLU A 32 -9.60 -3.66 -14.16
C GLU A 32 -10.02 -3.08 -12.82
N ASP A 33 -10.18 -3.95 -11.83
CA ASP A 33 -10.58 -3.51 -10.49
C ASP A 33 -9.61 -2.46 -9.96
N GLY A 34 -8.72 -2.88 -9.08
CA GLY A 34 -7.74 -1.96 -8.50
C GLY A 34 -6.78 -2.70 -7.57
N SER A 35 -6.64 -4.00 -7.79
CA SER A 35 -5.75 -4.81 -6.97
C SER A 35 -4.30 -4.66 -7.43
N ILE A 36 -3.43 -4.28 -6.51
CA ILE A 36 -2.01 -4.10 -6.83
C ILE A 36 -1.25 -5.41 -6.67
N SER A 37 -0.16 -5.55 -7.43
CA SER A 37 0.66 -6.76 -7.37
C SER A 37 2.07 -6.47 -7.84
N THR A 38 3.00 -7.39 -7.56
CA THR A 38 4.38 -7.22 -7.96
C THR A 38 4.48 -6.86 -9.44
N LYS A 39 3.35 -6.97 -10.15
CA LYS A 39 3.33 -6.65 -11.58
C LYS A 39 3.31 -5.13 -11.79
N GLU A 40 2.32 -4.47 -11.21
CA GLU A 40 2.20 -3.01 -11.35
C GLU A 40 3.02 -2.30 -10.28
N LEU A 41 3.64 -3.07 -9.39
CA LEU A 41 4.46 -2.49 -8.33
C LEU A 41 5.75 -1.91 -8.92
N GLY A 42 6.59 -2.78 -9.47
CA GLY A 42 7.86 -2.35 -10.06
C GLY A 42 7.67 -1.09 -10.89
N LYS A 43 6.57 -1.02 -11.63
CA LYS A 43 6.30 0.15 -12.46
C LYS A 43 6.54 1.44 -11.70
N VAL A 44 5.64 1.76 -10.77
CA VAL A 44 5.76 2.97 -9.98
C VAL A 44 7.20 3.16 -9.49
N MET A 45 7.83 2.06 -9.08
CA MET A 45 9.20 2.12 -8.59
C MET A 45 10.15 2.48 -9.73
N ARG A 46 9.77 2.13 -10.95
CA ARG A 46 10.61 2.42 -12.11
C ARG A 46 11.05 3.88 -12.09
N MET A 47 10.18 4.75 -11.62
CA MET A 47 10.50 6.18 -11.56
C MET A 47 11.59 6.44 -10.53
N LEU A 48 11.50 5.75 -9.40
CA LEU A 48 12.49 5.91 -8.33
C LEU A 48 13.83 5.32 -8.77
N GLY A 49 13.85 4.72 -9.96
CA GLY A 49 15.07 4.12 -10.47
C GLY A 49 15.32 2.75 -9.82
N GLN A 50 14.27 1.94 -9.76
CA GLN A 50 14.37 0.60 -9.16
C GLN A 50 13.53 -0.39 -9.95
N ASN A 51 13.96 -1.65 -9.95
CA ASN A 51 13.23 -2.69 -10.67
C ASN A 51 13.80 -4.07 -10.36
N PRO A 52 13.80 -4.44 -9.10
CA PRO A 52 14.32 -5.76 -8.64
C PRO A 52 13.36 -6.90 -8.98
N THR A 53 13.70 -8.10 -8.52
CA THR A 53 12.86 -9.27 -8.78
C THR A 53 11.53 -9.15 -8.02
N PRO A 54 10.49 -9.76 -8.52
CA PRO A 54 9.14 -9.72 -7.86
C PRO A 54 9.13 -10.50 -6.54
N GLU A 55 10.24 -11.18 -6.25
CA GLU A 55 10.34 -11.97 -5.03
C GLU A 55 10.69 -11.07 -3.84
N GLU A 56 11.43 -10.00 -4.12
CA GLU A 56 11.83 -9.08 -3.06
C GLU A 56 10.68 -8.13 -2.71
N LEU A 57 9.89 -7.77 -3.71
CA LEU A 57 8.76 -6.87 -3.50
C LEU A 57 7.65 -7.58 -2.71
N GLN A 58 7.29 -8.78 -3.15
CA GLN A 58 6.26 -9.54 -2.48
C GLN A 58 6.44 -9.50 -0.96
N GLU A 59 7.70 -9.48 -0.54
CA GLU A 59 8.00 -9.44 0.90
C GLU A 59 7.33 -8.24 1.55
N MET A 60 7.22 -7.15 0.80
CA MET A 60 6.60 -5.94 1.31
C MET A 60 5.08 -6.08 1.34
N ILE A 61 4.54 -6.76 0.32
CA ILE A 61 3.10 -6.96 0.23
C ILE A 61 2.68 -8.15 1.10
N ASP A 62 3.66 -8.92 1.56
CA ASP A 62 3.37 -10.08 2.39
C ASP A 62 3.08 -9.66 3.83
N GLU A 63 3.96 -8.84 4.40
CA GLU A 63 3.79 -8.38 5.77
C GLU A 63 2.41 -7.78 5.98
N VAL A 64 1.94 -7.00 5.01
CA VAL A 64 0.63 -6.37 5.11
C VAL A 64 -0.48 -7.37 4.80
N ASP A 65 -0.30 -8.15 3.73
CA ASP A 65 -1.29 -9.14 3.35
C ASP A 65 -1.50 -10.14 4.48
N GLU A 66 -2.30 -9.75 5.47
CA GLU A 66 -2.58 -10.63 6.60
C GLU A 66 -3.32 -11.88 6.13
N ASP A 67 -4.15 -11.72 5.11
CA ASP A 67 -4.92 -12.84 4.56
C ASP A 67 -4.05 -13.65 3.60
N GLY A 68 -3.03 -13.02 3.04
CA GLY A 68 -2.14 -13.69 2.10
C GLY A 68 -2.79 -13.82 0.73
N SER A 69 -3.58 -12.81 0.37
CA SER A 69 -4.26 -12.81 -0.92
C SER A 69 -3.31 -12.35 -2.02
N GLY A 70 -2.29 -11.59 -1.64
CA GLY A 70 -1.32 -11.09 -2.60
C GLY A 70 -1.84 -9.85 -3.31
N THR A 71 -2.53 -8.99 -2.57
CA THR A 71 -3.08 -7.75 -3.12
C THR A 71 -3.20 -6.69 -2.04
N VAL A 72 -2.62 -5.53 -2.30
CA VAL A 72 -2.66 -4.42 -1.33
C VAL A 72 -3.97 -3.64 -1.47
N ASP A 73 -4.99 -4.08 -0.75
CA ASP A 73 -6.28 -3.40 -0.79
C ASP A 73 -6.21 -2.06 -0.09
N PHE A 74 -7.30 -1.29 -0.16
CA PHE A 74 -7.33 0.02 0.47
C PHE A 74 -7.55 -0.12 1.98
N ASP A 75 -7.56 -1.36 2.46
CA ASP A 75 -7.77 -1.62 3.88
C ASP A 75 -6.43 -1.79 4.60
N GLU A 76 -5.76 -2.91 4.36
CA GLU A 76 -4.48 -3.18 5.00
C GLU A 76 -3.44 -2.14 4.59
N PHE A 77 -3.82 -1.24 3.70
CA PHE A 77 -2.90 -0.19 3.25
C PHE A 77 -2.65 0.82 4.37
N LEU A 78 -3.73 1.42 4.85
CA LEU A 78 -3.62 2.40 5.93
C LEU A 78 -2.83 1.82 7.10
N VAL A 79 -2.75 0.50 7.15
CA VAL A 79 -2.02 -0.18 8.22
C VAL A 79 -0.52 -0.16 7.94
N MET A 80 -0.17 -0.03 6.67
CA MET A 80 1.24 0.00 6.28
C MET A 80 1.89 1.32 6.69
N MET A 81 1.15 2.41 6.54
CA MET A 81 1.67 3.73 6.89
C MET A 81 1.65 3.91 8.41
N VAL A 82 0.47 3.82 9.00
CA VAL A 82 0.33 3.99 10.45
C VAL A 82 1.42 3.21 11.18
N ARG A 83 1.65 1.97 10.77
CA ARG A 83 2.67 1.14 11.40
C ARG A 83 4.07 1.66 11.07
N SER A 84 4.39 1.67 9.78
CA SER A 84 5.70 2.15 9.34
C SER A 84 6.06 3.45 10.03
N MET A 85 5.08 4.34 10.16
CA MET A 85 5.31 5.64 10.80
C MET A 85 5.60 5.44 12.28
N LYS A 86 4.56 5.13 13.05
CA LYS A 86 4.72 4.93 14.49
C LYS A 86 5.66 3.76 14.77
N ASP A 87 5.19 2.55 14.47
CA ASP A 87 6.00 1.36 14.69
C ASP A 87 7.12 1.28 13.66
N ASP A 88 8.03 2.25 13.69
CA ASP A 88 9.14 2.27 12.74
C ASP A 88 10.08 1.10 13.00
N SER A 89 10.42 0.37 11.95
CA SER A 89 11.32 -0.77 12.06
C SER A 89 11.87 -1.17 10.69
CA CA B . -3.91 -8.66 1.20
S1 WW7 C . 3.28 5.16 -2.11
O1 WW7 C . 2.34 5.68 -3.04
O2 WW7 C . 4.61 5.73 -2.14
N1 WW7 C . 2.63 5.45 -0.53
C4 WW7 C . 3.80 0.51 -2.68
C3 WW7 C . 4.94 1.38 -2.52
C2 WW7 C . 4.78 2.82 -2.35
C1 WW7 C . 3.44 3.42 -2.32
C9 WW7 C . 2.27 2.56 -2.48
C10 WW7 C . 2.45 1.06 -2.66
CL1 WW7 C . 1.39 -1.50 -2.98
C5 WW7 C . 1.28 0.22 -2.80
C6 WW7 C . -0.05 0.80 -2.76
C7 WW7 C . -0.23 2.25 -2.60
C8 WW7 C . 0.93 3.12 -2.46
C11 WW7 C . 3.36 6.38 0.34
C12 WW7 C . 3.76 5.78 1.68
C14 WW7 C . 4.36 3.47 0.92
C13 WW7 C . 4.91 4.78 1.49
C15 WW7 C . 4.93 2.29 1.72
C16 WW7 C . 5.59 1.27 0.77
N2 WW7 C . 5.83 -0.01 1.40
HN1 WW7 C . 2.58 4.58 -0.05
H4 WW7 C . 3.93 -0.48 -2.79
H3 WW7 C . 5.87 1.00 -2.53
H2 WW7 C . 5.58 3.41 -2.25
H6 WW7 C . -0.86 0.21 -2.87
H7 WW7 C . -1.15 2.63 -2.58
H8 WW7 C . 0.79 4.11 -2.34
H111 WW7 C . 2.79 7.18 0.50
H112 WW7 C . 4.20 6.66 -0.15
H121 WW7 C . 2.98 5.31 2.10
H122 WW7 C . 4.06 6.51 2.29
H141 WW7 C . 4.63 3.38 -0.04
H142 WW7 C . 3.37 3.48 0.98
H131 WW7 C . 5.35 4.61 2.37
H132 WW7 C . 5.58 5.17 0.86
H151 WW7 C . 4.19 1.83 2.22
H152 WW7 C . 5.60 2.63 2.38
H161 WW7 C . 6.46 1.66 0.47
H162 WW7 C . 4.99 1.16 -0.02
HN21 WW7 C . 5.64 -0.74 0.73
HN22 WW7 C . 5.22 -0.12 2.18
HN23 WW7 C . 6.78 -0.07 1.70
N MET A 1 -11.24 -6.76 15.61
CA MET A 1 -11.86 -5.41 15.65
C MET A 1 -10.97 -4.42 14.91
N ASP A 2 -9.67 -4.45 15.24
CA ASP A 2 -8.71 -3.56 14.59
C ASP A 2 -9.18 -2.11 14.70
N ASP A 3 -9.67 -1.74 15.88
CA ASP A 3 -10.15 -0.37 16.11
C ASP A 3 -8.99 0.57 16.36
N ILE A 4 -8.11 0.20 17.29
CA ILE A 4 -6.96 1.02 17.62
C ILE A 4 -6.28 1.56 16.37
N TYR A 5 -6.61 0.97 15.22
CA TYR A 5 -6.03 1.41 13.94
C TYR A 5 -6.88 2.50 13.31
N LYS A 6 -8.15 2.18 13.07
CA LYS A 6 -9.07 3.15 12.47
C LYS A 6 -9.05 4.46 13.25
N ALA A 7 -8.93 4.35 14.57
CA ALA A 7 -8.90 5.53 15.43
C ALA A 7 -7.86 6.52 14.93
N ALA A 8 -6.75 6.01 14.42
CA ALA A 8 -5.68 6.86 13.91
C ALA A 8 -6.09 7.51 12.60
N VAL A 9 -6.87 6.79 11.80
CA VAL A 9 -7.33 7.31 10.52
C VAL A 9 -8.18 8.56 10.72
N GLU A 10 -8.71 8.72 11.93
CA GLU A 10 -9.54 9.87 12.24
C GLU A 10 -8.67 11.12 12.44
N GLN A 11 -7.39 10.89 12.74
CA GLN A 11 -6.46 12.01 12.95
C GLN A 11 -6.08 12.64 11.62
N LEU A 12 -6.18 11.87 10.55
CA LEU A 12 -5.84 12.36 9.23
C LEU A 12 -6.93 13.29 8.70
N THR A 13 -6.54 14.52 8.37
CA THR A 13 -7.50 15.50 7.86
C THR A 13 -7.79 15.24 6.38
N GLU A 14 -8.93 15.73 5.92
CA GLU A 14 -9.32 15.54 4.52
C GLU A 14 -8.45 16.39 3.61
N GLU A 15 -7.14 16.14 3.65
CA GLU A 15 -6.19 16.88 2.81
C GLU A 15 -4.98 16.02 2.49
N GLN A 16 -4.45 15.36 3.51
CA GLN A 16 -3.28 14.50 3.32
C GLN A 16 -3.69 13.15 2.74
N LYS A 17 -4.95 13.04 2.33
CA LYS A 17 -5.47 11.81 1.74
C LYS A 17 -5.45 11.88 0.23
N ASN A 18 -5.79 13.04 -0.31
CA ASN A 18 -5.81 13.24 -1.76
C ASN A 18 -4.56 12.63 -2.40
N GLU A 19 -3.48 12.54 -1.64
CA GLU A 19 -2.23 11.98 -2.16
C GLU A 19 -2.28 10.45 -2.13
N PHE A 20 -2.63 9.88 -0.98
CA PHE A 20 -2.71 8.44 -0.85
C PHE A 20 -3.72 7.86 -1.82
N LYS A 21 -4.79 8.62 -2.07
CA LYS A 21 -5.83 8.19 -3.00
C LYS A 21 -5.37 8.36 -4.44
N ALA A 22 -4.50 9.35 -4.66
CA ALA A 22 -3.99 9.62 -6.00
C ALA A 22 -2.88 8.63 -6.36
N ALA A 23 -2.49 7.82 -5.38
CA ALA A 23 -1.44 6.83 -5.60
C ALA A 23 -2.00 5.59 -6.28
N PHE A 24 -3.01 4.99 -5.67
CA PHE A 24 -3.64 3.80 -6.22
C PHE A 24 -3.89 3.98 -7.71
N ASP A 25 -4.50 5.10 -8.08
CA ASP A 25 -4.80 5.38 -9.48
C ASP A 25 -3.60 5.05 -10.37
N ILE A 26 -2.42 5.43 -9.91
CA ILE A 26 -1.20 5.17 -10.67
C ILE A 26 -1.01 3.68 -10.90
N PHE A 27 -0.81 2.94 -9.81
CA PHE A 27 -0.62 1.49 -9.90
C PHE A 27 -1.66 0.88 -10.84
N VAL A 28 -2.91 0.87 -10.42
CA VAL A 28 -3.98 0.31 -11.22
C VAL A 28 -4.49 1.33 -12.25
N LEU A 29 -3.55 1.94 -12.98
CA LEU A 29 -3.90 2.93 -13.98
C LEU A 29 -4.62 2.28 -15.16
N GLY A 30 -4.79 0.97 -15.11
CA GLY A 30 -5.46 0.26 -16.19
C GLY A 30 -5.65 -1.21 -15.84
N ALA A 31 -5.68 -1.50 -14.54
CA ALA A 31 -5.86 -2.88 -14.08
C ALA A 31 -7.31 -3.30 -14.22
N GLU A 32 -7.54 -4.61 -14.36
CA GLU A 32 -8.89 -5.14 -14.51
C GLU A 32 -9.82 -4.52 -13.46
N ASP A 33 -9.87 -5.14 -12.29
CA ASP A 33 -10.72 -4.65 -11.21
C ASP A 33 -10.03 -3.51 -10.46
N GLY A 34 -9.50 -3.81 -9.29
CA GLY A 34 -8.82 -2.80 -8.49
C GLY A 34 -7.97 -3.45 -7.39
N SER A 35 -6.81 -3.95 -7.79
CA SER A 35 -5.91 -4.61 -6.84
C SER A 35 -4.46 -4.52 -7.33
N ILE A 36 -3.59 -4.00 -6.48
CA ILE A 36 -2.17 -3.86 -6.84
C ILE A 36 -1.46 -5.20 -6.71
N SER A 37 -0.34 -5.35 -7.41
CA SER A 37 0.43 -6.58 -7.37
C SER A 37 1.86 -6.33 -7.83
N THR A 38 2.76 -7.27 -7.51
CA THR A 38 4.15 -7.14 -7.91
C THR A 38 4.26 -6.74 -9.37
N LYS A 39 3.17 -6.91 -10.11
CA LYS A 39 3.16 -6.57 -11.53
C LYS A 39 3.08 -5.05 -11.71
N GLU A 40 2.06 -4.44 -11.11
CA GLU A 40 1.87 -3.00 -11.22
C GLU A 40 2.73 -2.27 -10.18
N LEU A 41 3.35 -3.04 -9.29
CA LEU A 41 4.19 -2.45 -8.25
C LEU A 41 5.46 -1.87 -8.86
N GLY A 42 6.34 -2.74 -9.33
CA GLY A 42 7.60 -2.30 -9.94
C GLY A 42 7.35 -1.19 -10.95
N LYS A 43 6.25 -1.29 -11.69
CA LYS A 43 5.92 -0.28 -12.68
C LYS A 43 6.08 1.13 -12.11
N VAL A 44 5.61 1.31 -10.88
CA VAL A 44 5.71 2.62 -10.22
C VAL A 44 7.13 2.87 -9.73
N MET A 45 7.65 1.92 -8.95
CA MET A 45 9.00 2.05 -8.41
C MET A 45 10.01 2.20 -9.55
N ARG A 46 9.55 2.00 -10.78
CA ARG A 46 10.43 2.11 -11.94
C ARG A 46 10.92 3.54 -12.09
N MET A 47 10.00 4.51 -11.98
CA MET A 47 10.36 5.91 -12.10
C MET A 47 11.54 6.25 -11.19
N LEU A 48 11.60 5.60 -10.04
CA LEU A 48 12.67 5.83 -9.09
C LEU A 48 13.93 5.08 -9.51
N GLY A 49 13.91 4.55 -10.73
CA GLY A 49 15.06 3.82 -11.25
C GLY A 49 15.16 2.44 -10.61
N GLN A 50 14.29 2.19 -9.63
CA GLN A 50 14.28 0.91 -8.94
C GLN A 50 13.52 -0.15 -9.75
N ASN A 51 14.11 -1.33 -9.88
CA ASN A 51 13.48 -2.41 -10.64
C ASN A 51 14.09 -3.76 -10.27
N PRO A 52 14.00 -4.12 -9.01
CA PRO A 52 14.56 -5.42 -8.52
C PRO A 52 13.67 -6.60 -8.91
N THR A 53 13.98 -7.77 -8.34
CA THR A 53 13.20 -8.96 -8.65
C THR A 53 11.82 -8.89 -7.98
N PRO A 54 10.83 -9.54 -8.53
CA PRO A 54 9.45 -9.53 -7.96
C PRO A 54 9.38 -10.31 -6.65
N GLU A 55 10.48 -10.97 -6.30
CA GLU A 55 10.54 -11.75 -5.06
C GLU A 55 10.82 -10.84 -3.87
N GLU A 56 11.54 -9.75 -4.12
CA GLU A 56 11.87 -8.81 -3.06
C GLU A 56 10.68 -7.92 -2.73
N LEU A 57 9.97 -7.49 -3.77
CA LEU A 57 8.80 -6.64 -3.58
C LEU A 57 7.72 -7.37 -2.82
N GLN A 58 7.40 -8.59 -3.25
CA GLN A 58 6.38 -9.39 -2.60
C GLN A 58 6.54 -9.36 -1.08
N GLU A 59 7.78 -9.21 -0.63
CA GLU A 59 8.06 -9.16 0.80
C GLU A 59 7.30 -8.00 1.45
N MET A 60 7.16 -6.91 0.71
CA MET A 60 6.46 -5.74 1.22
C MET A 60 4.95 -5.97 1.22
N ILE A 61 4.46 -6.64 0.18
CA ILE A 61 3.03 -6.93 0.06
C ILE A 61 2.67 -8.13 0.93
N ASP A 62 3.64 -8.99 1.20
CA ASP A 62 3.40 -10.18 2.00
C ASP A 62 2.96 -9.79 3.41
N GLU A 63 3.82 -9.09 4.13
CA GLU A 63 3.51 -8.67 5.49
C GLU A 63 2.12 -8.06 5.57
N VAL A 64 1.98 -6.86 4.99
CA VAL A 64 0.69 -6.17 5.00
C VAL A 64 -0.45 -7.13 4.69
N ASP A 65 -0.26 -7.98 3.69
CA ASP A 65 -1.30 -8.93 3.30
C ASP A 65 -1.59 -9.89 4.46
N GLU A 66 -2.26 -9.38 5.48
CA GLU A 66 -2.60 -10.21 6.64
C GLU A 66 -3.83 -11.06 6.34
N ASP A 67 -3.93 -11.55 5.10
CA ASP A 67 -5.05 -12.37 4.70
C ASP A 67 -4.70 -13.23 3.48
N GLY A 68 -3.40 -13.36 3.22
CA GLY A 68 -2.93 -14.15 2.09
C GLY A 68 -3.75 -13.84 0.84
N SER A 69 -3.29 -12.85 0.08
CA SER A 69 -3.97 -12.46 -1.15
C SER A 69 -2.97 -11.92 -2.18
N GLY A 70 -1.89 -11.32 -1.68
CA GLY A 70 -0.87 -10.78 -2.57
C GLY A 70 -1.30 -9.41 -3.12
N THR A 71 -2.45 -8.93 -2.65
CA THR A 71 -2.98 -7.64 -3.10
C THR A 71 -2.84 -6.60 -1.99
N VAL A 72 -3.14 -5.35 -2.32
CA VAL A 72 -3.05 -4.25 -1.35
C VAL A 72 -4.23 -3.30 -1.51
N ASP A 73 -5.33 -3.59 -0.82
CA ASP A 73 -6.51 -2.76 -0.91
C ASP A 73 -6.29 -1.44 -0.16
N PHE A 74 -7.36 -0.68 0.04
CA PHE A 74 -7.26 0.59 0.75
C PHE A 74 -7.30 0.39 2.25
N ASP A 75 -7.17 -0.87 2.68
CA ASP A 75 -7.20 -1.20 4.11
C ASP A 75 -5.79 -1.37 4.65
N GLU A 76 -5.31 -2.61 4.68
CA GLU A 76 -3.97 -2.90 5.19
C GLU A 76 -2.97 -1.86 4.71
N PHE A 77 -3.25 -1.24 3.58
CA PHE A 77 -2.35 -0.23 3.01
C PHE A 77 -1.98 0.79 4.09
N LEU A 78 -2.95 1.18 4.90
CA LEU A 78 -2.71 2.15 5.96
C LEU A 78 -2.02 1.48 7.15
N VAL A 79 -2.15 0.16 7.23
CA VAL A 79 -1.54 -0.59 8.32
C VAL A 79 -0.05 -0.79 8.06
N MET A 80 0.38 -0.45 6.86
CA MET A 80 1.79 -0.59 6.48
C MET A 80 2.63 0.51 7.09
N MET A 81 2.26 1.75 6.83
CA MET A 81 3.00 2.90 7.36
C MET A 81 2.64 3.16 8.82
N VAL A 82 1.35 3.29 9.09
CA VAL A 82 0.88 3.56 10.46
C VAL A 82 1.67 2.72 11.46
N ARG A 83 2.04 1.51 11.07
CA ARG A 83 2.79 0.62 11.95
C ARG A 83 4.26 1.03 11.99
N SER A 84 4.80 1.41 10.83
CA SER A 84 6.19 1.83 10.76
C SER A 84 6.37 3.24 11.29
N MET A 85 5.28 3.99 11.35
CA MET A 85 5.32 5.36 11.86
C MET A 85 5.33 5.37 13.38
N LYS A 86 4.18 5.02 13.97
CA LYS A 86 4.07 4.99 15.42
C LYS A 86 5.26 4.27 16.05
N ASP A 87 5.84 3.34 15.30
CA ASP A 87 6.98 2.59 15.79
C ASP A 87 7.77 1.98 14.62
N ASP A 88 8.93 2.55 14.34
CA ASP A 88 9.76 2.07 13.24
C ASP A 88 10.53 0.81 13.66
N SER A 89 10.95 0.01 12.69
CA SER A 89 11.69 -1.21 12.98
C SER A 89 12.25 -1.80 11.69
CA CA B . -3.89 -8.28 1.14
S1 WW7 C . 2.96 5.30 -2.74
O1 WW7 C . 2.19 5.45 -3.92
O2 WW7 C . 4.22 6.02 -2.69
N1 WW7 C . 1.98 5.91 -1.44
C4 WW7 C . 3.95 0.76 -1.93
C3 WW7 C . 4.99 1.78 -1.93
C2 WW7 C . 4.67 3.18 -2.19
C1 WW7 C . 3.29 3.61 -2.44
C9 WW7 C . 2.22 2.61 -2.45
C10 WW7 C . 2.56 1.15 -2.18
CL1 WW7 C . 1.77 -1.50 -1.86
C5 WW7 C . 1.49 0.17 -2.17
C6 WW7 C . 0.11 0.58 -2.42
C7 WW7 C . -0.20 1.99 -2.68
C8 WW7 C . 0.84 3.00 -2.70
C11 WW7 C . 2.66 6.23 -0.19
C12 WW7 C . 2.79 5.06 0.78
C14 WW7 C . 4.28 3.08 1.14
C13 WW7 C . 4.24 4.58 0.83
C15 WW7 C . 5.73 2.64 1.37
C16 WW7 C . 5.75 1.22 1.98
N2 WW7 C . 6.14 1.21 3.38
HN1 WW7 C . 1.31 5.20 -1.23
H4 WW7 C . 4.18 -0.19 -1.74
H3 WW7 C . 5.93 1.51 -1.76
H2 WW7 C . 5.40 3.86 -2.20
H6 WW7 C . -0.62 -0.11 -2.40
H7 WW7 C . -1.15 2.25 -2.85
H8 WW7 C . 0.61 3.96 -2.87
H111 WW7 C . 2.16 6.96 0.27
H112 WW7 C . 3.59 6.56 -0.40
H121 WW7 C . 2.19 4.32 0.48
H122 WW7 C . 2.50 5.35 1.69
H141 WW7 C . 3.88 2.57 0.39
H142 WW7 C . 3.73 2.90 1.97
H131 WW7 C . 4.73 5.08 1.54
H132 WW7 C . 4.68 4.75 -0.05
H151 WW7 C . 6.18 3.27 1.99
H152 WW7 C . 6.21 2.64 0.50
H161 WW7 C . 6.40 0.66 1.46
H162 WW7 C . 4.83 0.83 1.89
HN21 WW7 C . 5.88 0.34 3.78
HN22 WW7 C . 5.67 1.95 3.86
HN23 WW7 C . 7.13 1.35 3.46
N MET A 1 -10.80 -6.61 14.89
CA MET A 1 -11.39 -5.33 15.38
C MET A 1 -10.55 -4.16 14.88
N ASP A 2 -9.23 -4.29 15.03
CA ASP A 2 -8.32 -3.23 14.59
C ASP A 2 -8.80 -1.87 15.07
N ASP A 3 -8.91 -1.72 16.39
CA ASP A 3 -9.35 -0.45 16.97
C ASP A 3 -8.22 0.56 17.01
N ILE A 4 -7.16 0.23 17.74
CA ILE A 4 -6.02 1.13 17.86
C ILE A 4 -5.64 1.73 16.50
N TYR A 5 -6.15 1.12 15.41
CA TYR A 5 -5.85 1.59 14.07
C TYR A 5 -6.91 2.60 13.62
N LYS A 6 -8.17 2.17 13.63
CA LYS A 6 -9.26 3.05 13.22
C LYS A 6 -9.19 4.38 13.97
N ALA A 7 -8.48 4.39 15.08
CA ALA A 7 -8.34 5.60 15.88
C ALA A 7 -7.44 6.61 15.18
N ALA A 8 -6.38 6.11 14.54
CA ALA A 8 -5.44 6.97 13.83
C ALA A 8 -6.06 7.47 12.53
N VAL A 9 -6.79 6.59 11.85
CA VAL A 9 -7.42 6.96 10.58
C VAL A 9 -8.26 8.21 10.76
N GLU A 10 -8.78 8.43 11.96
CA GLU A 10 -9.59 9.60 12.24
C GLU A 10 -8.73 10.84 12.33
N GLN A 11 -7.45 10.65 12.65
CA GLN A 11 -6.52 11.76 12.76
C GLN A 11 -6.07 12.24 11.38
N LEU A 12 -6.18 11.37 10.39
CA LEU A 12 -5.79 11.71 9.03
C LEU A 12 -6.87 12.55 8.37
N THR A 13 -6.57 13.82 8.13
CA THR A 13 -7.52 14.72 7.49
C THR A 13 -7.68 14.37 6.02
N GLU A 14 -8.79 14.80 5.41
CA GLU A 14 -9.03 14.52 4.01
C GLU A 14 -8.04 15.27 3.13
N GLU A 15 -7.05 15.89 3.76
CA GLU A 15 -6.03 16.64 3.01
C GLU A 15 -4.89 15.73 2.58
N GLN A 16 -4.38 14.93 3.50
CA GLN A 16 -3.28 14.01 3.20
C GLN A 16 -3.80 12.76 2.50
N LYS A 17 -5.10 12.54 2.55
CA LYS A 17 -5.70 11.37 1.90
C LYS A 17 -5.58 11.49 0.40
N ASN A 18 -5.78 12.70 -0.12
CA ASN A 18 -5.69 12.93 -1.56
C ASN A 18 -4.33 12.47 -2.09
N GLU A 19 -3.32 12.51 -1.24
CA GLU A 19 -1.98 12.09 -1.62
C GLU A 19 -1.95 10.59 -1.92
N PHE A 20 -2.52 9.81 -1.02
CA PHE A 20 -2.56 8.36 -1.20
C PHE A 20 -3.49 7.98 -2.34
N LYS A 21 -4.77 8.35 -2.20
CA LYS A 21 -5.76 8.04 -3.23
C LYS A 21 -5.18 8.26 -4.63
N ALA A 22 -4.12 9.05 -4.71
CA ALA A 22 -3.48 9.33 -5.99
C ALA A 22 -2.56 8.17 -6.38
N ALA A 23 -1.85 7.62 -5.39
CA ALA A 23 -0.95 6.50 -5.65
C ALA A 23 -1.69 5.36 -6.34
N PHE A 24 -2.90 5.08 -5.87
CA PHE A 24 -3.71 4.01 -6.45
C PHE A 24 -3.69 4.10 -7.97
N ASP A 25 -4.12 5.24 -8.50
CA ASP A 25 -4.14 5.44 -9.94
C ASP A 25 -2.82 5.01 -10.57
N ILE A 26 -1.71 5.51 -10.04
CA ILE A 26 -0.40 5.16 -10.56
C ILE A 26 -0.24 3.65 -10.66
N PHE A 27 -0.60 2.95 -9.59
CA PHE A 27 -0.50 1.49 -9.58
C PHE A 27 -1.50 0.88 -10.55
N VAL A 28 -2.78 0.99 -10.21
CA VAL A 28 -3.85 0.45 -11.06
C VAL A 28 -4.28 1.49 -12.10
N LEU A 29 -3.36 1.86 -12.98
CA LEU A 29 -3.66 2.84 -14.01
C LEU A 29 -4.37 2.21 -15.20
N GLY A 30 -5.13 1.15 -14.94
CA GLY A 30 -5.86 0.46 -16.00
C GLY A 30 -6.30 -0.93 -15.56
N ALA A 31 -6.46 -1.12 -14.26
CA ALA A 31 -6.90 -2.41 -13.72
C ALA A 31 -8.41 -2.53 -13.76
N GLU A 32 -8.93 -3.68 -13.34
CA GLU A 32 -10.37 -3.90 -13.32
C GLU A 32 -11.00 -3.25 -12.11
N ASP A 33 -10.86 -3.89 -10.96
CA ASP A 33 -11.43 -3.36 -9.72
C ASP A 33 -10.52 -2.28 -9.14
N GLY A 34 -9.36 -2.69 -8.64
CA GLY A 34 -8.41 -1.74 -8.06
C GLY A 34 -7.37 -2.47 -7.22
N SER A 35 -7.08 -3.72 -7.58
CA SER A 35 -6.10 -4.52 -6.85
C SER A 35 -4.69 -4.24 -7.36
N ILE A 36 -3.69 -4.67 -6.59
CA ILE A 36 -2.28 -4.45 -6.96
C ILE A 36 -1.51 -5.76 -6.82
N SER A 37 -0.35 -5.83 -7.49
CA SER A 37 0.48 -7.03 -7.44
C SER A 37 1.90 -6.71 -7.85
N THR A 38 2.78 -7.71 -7.77
CA THR A 38 4.18 -7.52 -8.13
C THR A 38 4.31 -7.08 -9.59
N LYS A 39 3.18 -6.95 -10.27
CA LYS A 39 3.19 -6.54 -11.67
C LYS A 39 3.25 -5.02 -11.79
N GLU A 40 2.24 -4.35 -11.25
CA GLU A 40 2.18 -2.88 -11.31
C GLU A 40 3.02 -2.26 -10.19
N LEU A 41 3.75 -3.09 -9.47
CA LEU A 41 4.58 -2.60 -8.37
C LEU A 41 5.84 -1.94 -8.92
N GLY A 42 6.76 -2.75 -9.44
CA GLY A 42 8.00 -2.24 -9.99
C GLY A 42 7.76 -1.00 -10.85
N LYS A 43 6.74 -1.06 -11.70
CA LYS A 43 6.43 0.06 -12.57
C LYS A 43 6.51 1.38 -11.82
N VAL A 44 6.02 1.38 -10.58
CA VAL A 44 6.03 2.60 -9.76
C VAL A 44 7.41 2.81 -9.15
N MET A 45 7.86 1.84 -8.36
CA MET A 45 9.17 1.94 -7.72
C MET A 45 10.26 2.18 -8.76
N ARG A 46 9.88 2.13 -10.04
CA ARG A 46 10.84 2.34 -11.12
C ARG A 46 11.10 3.83 -11.33
N MET A 47 10.03 4.60 -11.48
CA MET A 47 10.16 6.04 -11.68
C MET A 47 11.17 6.64 -10.71
N LEU A 48 11.29 6.01 -9.55
CA LEU A 48 12.23 6.48 -8.53
C LEU A 48 13.67 6.24 -8.98
N GLY A 49 14.00 4.97 -9.20
CA GLY A 49 15.35 4.60 -9.64
C GLY A 49 15.65 3.14 -9.32
N GLN A 50 14.80 2.53 -8.50
CA GLN A 50 14.98 1.13 -8.12
C GLN A 50 14.39 0.21 -9.19
N ASN A 51 14.74 -1.07 -9.11
CA ASN A 51 14.24 -2.04 -10.07
C ASN A 51 14.53 -3.46 -9.59
N PRO A 52 14.04 -3.82 -8.44
CA PRO A 52 14.26 -5.18 -7.85
C PRO A 52 13.40 -6.25 -8.54
N THR A 53 13.65 -7.50 -8.20
CA THR A 53 12.90 -8.61 -8.79
C THR A 53 11.51 -8.71 -8.13
N PRO A 54 10.54 -9.23 -8.83
CA PRO A 54 9.16 -9.38 -8.27
C PRO A 54 9.12 -10.36 -7.08
N GLU A 55 10.24 -11.05 -6.87
CA GLU A 55 10.33 -12.00 -5.77
C GLU A 55 10.68 -11.28 -4.46
N GLU A 56 11.47 -10.22 -4.57
CA GLU A 56 11.88 -9.45 -3.40
C GLU A 56 10.78 -8.47 -3.00
N LEU A 57 10.02 -8.00 -3.99
CA LEU A 57 8.94 -7.06 -3.72
C LEU A 57 7.82 -7.72 -2.94
N GLN A 58 7.42 -8.92 -3.38
CA GLN A 58 6.36 -9.65 -2.71
C GLN A 58 6.58 -9.65 -1.20
N GLU A 59 7.81 -9.39 -0.79
CA GLU A 59 8.14 -9.36 0.64
C GLU A 59 7.44 -8.19 1.32
N MET A 60 7.37 -7.07 0.61
CA MET A 60 6.71 -5.88 1.15
C MET A 60 5.21 -6.07 1.25
N ILE A 61 4.65 -6.80 0.28
CA ILE A 61 3.21 -7.06 0.26
C ILE A 61 2.87 -8.16 1.27
N ASP A 62 3.89 -8.87 1.75
CA ASP A 62 3.67 -9.94 2.70
C ASP A 62 3.51 -9.39 4.11
N GLU A 63 4.34 -8.42 4.47
CA GLU A 63 4.28 -7.82 5.79
C GLU A 63 3.08 -6.90 5.92
N VAL A 64 2.02 -7.21 5.19
CA VAL A 64 0.79 -6.40 5.23
C VAL A 64 -0.43 -7.25 4.86
N ASP A 65 -0.22 -8.20 3.95
CA ASP A 65 -1.32 -9.06 3.53
C ASP A 65 -1.84 -9.88 4.71
N GLU A 66 -2.57 -9.22 5.60
CA GLU A 66 -3.13 -9.89 6.77
C GLU A 66 -4.19 -10.89 6.35
N ASP A 67 -4.89 -10.58 5.25
CA ASP A 67 -5.93 -11.46 4.75
C ASP A 67 -5.32 -12.55 3.86
N GLY A 68 -4.01 -12.56 3.75
CA GLY A 68 -3.32 -13.55 2.94
C GLY A 68 -4.00 -13.70 1.58
N SER A 69 -3.66 -12.82 0.64
CA SER A 69 -4.25 -12.86 -0.70
C SER A 69 -3.21 -12.49 -1.75
N GLY A 70 -2.07 -11.97 -1.31
CA GLY A 70 -1.00 -11.59 -2.23
C GLY A 70 -1.39 -10.34 -3.01
N THR A 71 -1.94 -9.36 -2.31
CA THR A 71 -2.36 -8.11 -2.94
C THR A 71 -2.29 -6.96 -1.93
N VAL A 72 -2.87 -5.82 -2.30
CA VAL A 72 -2.87 -4.65 -1.43
C VAL A 72 -4.14 -3.83 -1.64
N ASP A 73 -5.26 -4.34 -1.12
CA ASP A 73 -6.53 -3.64 -1.26
C ASP A 73 -6.46 -2.28 -0.59
N PHE A 74 -7.62 -1.68 -0.32
CA PHE A 74 -7.67 -0.37 0.31
C PHE A 74 -7.61 -0.50 1.84
N ASP A 75 -7.61 -1.73 2.32
CA ASP A 75 -7.57 -1.98 3.76
C ASP A 75 -6.13 -1.89 4.28
N GLU A 76 -5.41 -3.00 4.24
CA GLU A 76 -4.03 -3.03 4.72
C GLU A 76 -3.24 -1.84 4.17
N PHE A 77 -3.81 -1.18 3.15
CA PHE A 77 -3.16 -0.02 2.56
C PHE A 77 -2.64 0.93 3.64
N LEU A 78 -3.54 1.32 4.54
CA LEU A 78 -3.18 2.22 5.62
C LEU A 78 -2.27 1.52 6.62
N VAL A 79 -2.68 0.33 7.05
CA VAL A 79 -1.90 -0.44 8.01
C VAL A 79 -0.43 -0.46 7.62
N MET A 80 -0.17 -0.21 6.33
CA MET A 80 1.21 -0.21 5.83
C MET A 80 1.97 1.01 6.35
N MET A 81 1.50 2.20 5.97
CA MET A 81 2.16 3.43 6.41
C MET A 81 1.91 3.66 7.90
N VAL A 82 0.65 3.52 8.32
CA VAL A 82 0.30 3.73 9.71
C VAL A 82 1.31 3.05 10.63
N ARG A 83 1.60 1.78 10.35
CA ARG A 83 2.55 1.03 11.17
C ARG A 83 3.96 1.58 10.98
N SER A 84 4.47 1.49 9.76
CA SER A 84 5.82 1.99 9.47
C SER A 84 6.02 3.37 10.06
N MET A 85 4.95 4.15 10.12
CA MET A 85 5.01 5.51 10.67
C MET A 85 5.06 5.45 12.19
N LYS A 86 3.94 5.07 12.80
CA LYS A 86 3.85 5.00 14.25
C LYS A 86 5.02 4.20 14.82
N ASP A 87 5.61 3.34 13.99
CA ASP A 87 6.74 2.52 14.41
C ASP A 87 7.56 2.07 13.21
N ASP A 88 8.67 2.75 12.96
CA ASP A 88 9.53 2.40 11.83
C ASP A 88 10.38 1.18 12.17
N SER A 89 10.30 0.16 11.31
CA SER A 89 11.07 -1.07 11.53
C SER A 89 11.04 -1.95 10.29
CA CA B . -3.48 -8.52 0.83
S1 WW7 C . 3.67 4.86 -2.37
O1 WW7 C . 2.51 5.18 -3.14
O2 WW7 C . 4.89 5.55 -2.72
N1 WW7 C . 3.30 5.26 -0.72
C4 WW7 C . 4.61 0.24 -2.63
C3 WW7 C . 5.64 1.25 -2.88
C2 WW7 C . 5.33 2.67 -2.80
C1 WW7 C . 3.99 3.14 -2.47
C9 WW7 C . 2.94 2.15 -2.21
C10 WW7 C . 3.25 0.68 -2.30
CL1 WW7 C . 2.48 -1.99 -2.09
C5 WW7 C . 2.20 -0.30 -2.03
C6 WW7 C . 0.86 0.15 -1.70
C7 WW7 C . 0.55 1.59 -1.62
C8 WW7 C . 1.57 2.58 -1.88
C11 WW7 C . 3.72 4.32 0.32
C12 WW7 C . 5.23 4.25 0.50
C14 WW7 C . 5.19 2.14 1.84
C13 WW7 C . 5.69 2.79 0.54
C15 WW7 C . 5.70 0.69 1.90
C16 WW7 C . 6.07 0.34 3.35
N2 WW7 C . 7.01 1.26 3.93
HN1 WW7 C . 2.29 5.34 -0.65
H4 WW7 C . 4.83 -0.73 -2.69
H3 WW7 C . 6.56 0.95 -3.11
H2 WW7 C . 6.05 3.34 -2.98
H6 WW7 C . 0.14 -0.52 -1.52
H7 WW7 C . -0.38 1.88 -1.40
H8 WW7 C . 1.36 3.55 -1.82
H111 WW7 C . 3.39 3.41 0.06
H112 WW7 C . 3.30 4.60 1.18
H121 WW7 C . 5.48 4.72 1.34
H122 WW7 C . 5.67 4.73 -0.26
H141 WW7 C . 4.19 2.15 1.85
H142 WW7 C . 5.53 2.65 2.62
H131 WW7 C . 6.68 2.76 0.50
H132 WW7 C . 5.32 2.31 -0.25
H151 WW7 C . 6.50 0.59 1.32
H152 WW7 C . 4.98 0.08 1.57
H161 WW7 C . 6.45 -0.58 3.37
H162 WW7 C . 5.22 0.35 3.90
HN21 WW7 C . 7.61 1.62 3.20
HN22 WW7 C . 7.58 0.78 4.60
HN23 WW7 C . 6.54 2.01 4.38
N MET A 1 -11.09 -6.73 15.56
CA MET A 1 -11.73 -5.39 15.66
C MET A 1 -10.84 -4.35 14.98
N ASP A 2 -9.55 -4.40 15.29
CA ASP A 2 -8.60 -3.47 14.71
C ASP A 2 -9.07 -2.02 14.91
N ASP A 3 -9.46 -1.70 16.15
CA ASP A 3 -9.94 -0.37 16.47
C ASP A 3 -8.76 0.59 16.65
N ILE A 4 -7.83 0.22 17.52
CA ILE A 4 -6.67 1.06 17.79
C ILE A 4 -6.08 1.61 16.49
N TYR A 5 -6.46 1.02 15.36
CA TYR A 5 -5.96 1.47 14.07
C TYR A 5 -6.87 2.56 13.49
N LYS A 6 -8.18 2.39 13.67
CA LYS A 6 -9.14 3.37 13.17
C LYS A 6 -8.90 4.72 13.81
N ALA A 7 -8.78 4.75 15.13
CA ALA A 7 -8.55 6.00 15.84
C ALA A 7 -7.40 6.78 15.20
N ALA A 8 -6.44 6.05 14.63
CA ALA A 8 -5.31 6.70 13.97
C ALA A 8 -5.74 7.37 12.69
N VAL A 9 -6.77 6.82 12.05
CA VAL A 9 -7.28 7.38 10.80
C VAL A 9 -8.02 8.68 11.07
N GLU A 10 -8.66 8.77 12.24
CA GLU A 10 -9.41 9.96 12.60
C GLU A 10 -8.49 11.18 12.66
N GLN A 11 -7.20 10.92 12.89
CA GLN A 11 -6.23 12.01 12.97
C GLN A 11 -5.87 12.52 11.58
N LEU A 12 -5.90 11.61 10.61
CA LEU A 12 -5.58 11.98 9.24
C LEU A 12 -6.71 12.81 8.62
N THR A 13 -6.37 13.99 8.11
CA THR A 13 -7.36 14.87 7.51
C THR A 13 -7.69 14.41 6.09
N GLU A 14 -8.85 14.80 5.59
CA GLU A 14 -9.27 14.42 4.25
C GLU A 14 -8.33 15.01 3.21
N GLU A 15 -7.30 15.71 3.68
CA GLU A 15 -6.32 16.33 2.79
C GLU A 15 -5.26 15.31 2.37
N GLN A 16 -4.54 14.79 3.35
CA GLN A 16 -3.48 13.82 3.08
C GLN A 16 -4.07 12.53 2.53
N LYS A 17 -5.39 12.38 2.62
CA LYS A 17 -6.05 11.19 2.10
C LYS A 17 -6.19 11.26 0.59
N ASN A 18 -6.27 12.48 0.06
CA ASN A 18 -6.40 12.67 -1.37
C ASN A 18 -5.05 12.49 -2.06
N GLU A 19 -3.98 12.51 -1.28
CA GLU A 19 -2.64 12.35 -1.82
C GLU A 19 -2.38 10.89 -2.16
N PHE A 20 -2.92 9.99 -1.36
CA PHE A 20 -2.74 8.56 -1.59
C PHE A 20 -3.60 8.08 -2.76
N LYS A 21 -4.90 8.29 -2.65
CA LYS A 21 -5.83 7.88 -3.71
C LYS A 21 -5.27 8.25 -5.08
N ALA A 22 -4.31 9.17 -5.09
CA ALA A 22 -3.71 9.61 -6.35
C ALA A 22 -2.65 8.61 -6.80
N ALA A 23 -1.92 8.04 -5.84
CA ALA A 23 -0.88 7.08 -6.15
C ALA A 23 -1.49 5.82 -6.78
N PHE A 24 -2.54 5.30 -6.16
CA PHE A 24 -3.20 4.10 -6.67
C PHE A 24 -3.39 4.20 -8.18
N ASP A 25 -3.94 5.32 -8.63
CA ASP A 25 -4.17 5.52 -10.05
C ASP A 25 -2.92 5.19 -10.84
N ILE A 26 -1.76 5.55 -10.30
CA ILE A 26 -0.49 5.28 -10.96
C ILE A 26 -0.21 3.78 -10.97
N PHE A 27 -0.57 3.11 -9.89
CA PHE A 27 -0.35 1.67 -9.78
C PHE A 27 -1.34 0.92 -10.68
N VAL A 28 -2.63 1.04 -10.38
CA VAL A 28 -3.67 0.38 -11.17
C VAL A 28 -4.16 1.29 -12.29
N LEU A 29 -3.25 1.63 -13.20
CA LEU A 29 -3.59 2.50 -14.32
C LEU A 29 -4.18 1.68 -15.48
N GLY A 30 -4.72 0.51 -15.16
CA GLY A 30 -5.31 -0.35 -16.17
C GLY A 30 -5.67 -1.72 -15.60
N ALA A 31 -5.71 -1.80 -14.27
CA ALA A 31 -6.04 -3.07 -13.61
C ALA A 31 -7.56 -3.26 -13.55
N GLU A 32 -7.97 -4.50 -13.34
CA GLU A 32 -9.40 -4.81 -13.27
C GLU A 32 -10.05 -4.05 -12.12
N ASP A 33 -9.95 -4.59 -10.91
CA ASP A 33 -10.54 -3.94 -9.75
C ASP A 33 -9.67 -2.79 -9.27
N GLY A 34 -8.91 -3.02 -8.20
CA GLY A 34 -8.03 -2.00 -7.66
C GLY A 34 -6.89 -2.62 -6.85
N SER A 35 -6.50 -3.83 -7.23
CA SER A 35 -5.42 -4.53 -6.55
C SER A 35 -4.06 -4.07 -7.05
N ILE A 36 -3.01 -4.42 -6.31
CA ILE A 36 -1.65 -4.03 -6.69
C ILE A 36 -0.70 -5.20 -6.51
N SER A 37 -0.54 -6.00 -7.56
CA SER A 37 0.35 -7.16 -7.51
C SER A 37 1.80 -6.72 -7.70
N THR A 38 2.69 -7.71 -7.81
CA THR A 38 4.12 -7.41 -7.99
C THR A 38 4.38 -6.91 -9.40
N LYS A 39 3.36 -6.99 -10.27
CA LYS A 39 3.49 -6.53 -11.64
C LYS A 39 3.35 -5.02 -11.72
N GLU A 40 2.27 -4.50 -11.15
CA GLU A 40 2.02 -3.06 -11.17
C GLU A 40 2.87 -2.35 -10.12
N LEU A 41 3.65 -3.12 -9.37
CA LEU A 41 4.51 -2.55 -8.33
C LEU A 41 5.77 -1.95 -8.95
N GLY A 42 6.57 -2.80 -9.59
CA GLY A 42 7.81 -2.35 -10.22
C GLY A 42 7.57 -1.14 -11.11
N LYS A 43 6.51 -1.18 -11.90
CA LYS A 43 6.18 -0.08 -12.81
C LYS A 43 6.39 1.27 -12.12
N VAL A 44 5.77 1.45 -10.96
CA VAL A 44 5.89 2.70 -10.22
C VAL A 44 7.32 2.90 -9.74
N MET A 45 7.86 1.90 -9.04
CA MET A 45 9.22 1.98 -8.52
C MET A 45 10.18 2.39 -9.63
N ARG A 46 9.75 2.26 -10.88
CA ARG A 46 10.57 2.63 -12.02
C ARG A 46 11.02 4.08 -11.92
N MET A 47 10.05 4.98 -11.86
CA MET A 47 10.36 6.41 -11.76
C MET A 47 11.29 6.67 -10.58
N LEU A 48 11.18 5.85 -9.55
CA LEU A 48 12.00 6.00 -8.35
C LEU A 48 13.42 5.49 -8.62
N GLY A 49 13.73 5.26 -9.90
CA GLY A 49 15.05 4.76 -10.27
C GLY A 49 15.32 3.40 -9.65
N GLN A 50 14.31 2.53 -9.69
CA GLN A 50 14.43 1.19 -9.12
C GLN A 50 13.73 0.17 -10.01
N ASN A 51 14.11 -1.10 -9.88
CA ASN A 51 13.50 -2.15 -10.69
C ASN A 51 13.97 -3.53 -10.22
N PRO A 52 13.64 -3.88 -9.00
CA PRO A 52 14.03 -5.21 -8.42
C PRO A 52 13.15 -6.34 -8.93
N THR A 53 13.52 -7.57 -8.59
CA THR A 53 12.76 -8.74 -9.02
C THR A 53 11.41 -8.79 -8.29
N PRO A 54 10.41 -9.40 -8.89
CA PRO A 54 9.05 -9.50 -8.26
C PRO A 54 9.06 -10.43 -7.04
N GLU A 55 10.19 -11.09 -6.81
CA GLU A 55 10.33 -12.00 -5.68
C GLU A 55 10.69 -11.23 -4.41
N GLU A 56 11.44 -10.14 -4.58
CA GLU A 56 11.86 -9.33 -3.44
C GLU A 56 10.73 -8.41 -3.01
N LEU A 57 9.99 -7.88 -3.97
CA LEU A 57 8.88 -6.98 -3.66
C LEU A 57 7.78 -7.72 -2.90
N GLN A 58 7.47 -8.93 -3.36
CA GLN A 58 6.43 -9.72 -2.72
C GLN A 58 6.62 -9.72 -1.20
N GLU A 59 7.87 -9.50 -0.76
CA GLU A 59 8.17 -9.47 0.66
C GLU A 59 7.35 -8.39 1.36
N MET A 60 7.19 -7.25 0.69
CA MET A 60 6.42 -6.14 1.25
C MET A 60 4.95 -6.49 1.31
N ILE A 61 4.48 -7.20 0.29
CA ILE A 61 3.08 -7.60 0.23
C ILE A 61 2.80 -8.72 1.23
N ASP A 62 3.80 -9.56 1.45
CA ASP A 62 3.66 -10.68 2.38
C ASP A 62 3.79 -10.20 3.82
N GLU A 63 3.13 -9.09 4.13
CA GLU A 63 3.18 -8.52 5.48
C GLU A 63 1.87 -7.81 5.80
N VAL A 64 1.43 -6.93 4.91
CA VAL A 64 0.20 -6.19 5.12
C VAL A 64 -1.01 -7.07 4.78
N ASP A 65 -0.87 -7.87 3.73
CA ASP A 65 -1.97 -8.75 3.32
C ASP A 65 -2.32 -9.72 4.44
N GLU A 66 -3.08 -9.24 5.42
CA GLU A 66 -3.50 -10.07 6.54
C GLU A 66 -4.56 -11.06 6.11
N ASP A 67 -4.33 -11.70 4.96
CA ASP A 67 -5.28 -12.68 4.43
C ASP A 67 -4.58 -13.63 3.46
N GLY A 68 -3.46 -13.18 2.91
CA GLY A 68 -2.71 -14.00 1.95
C GLY A 68 -3.29 -13.88 0.55
N SER A 69 -3.91 -12.74 0.27
CA SER A 69 -4.50 -12.50 -1.05
C SER A 69 -3.44 -12.06 -2.05
N GLY A 70 -2.42 -11.36 -1.55
CA GLY A 70 -1.35 -10.88 -2.42
C GLY A 70 -1.78 -9.62 -3.16
N THR A 71 -2.48 -8.74 -2.47
CA THR A 71 -2.95 -7.49 -3.08
C THR A 71 -3.12 -6.40 -2.03
N VAL A 72 -2.49 -5.26 -2.27
CA VAL A 72 -2.57 -4.14 -1.34
C VAL A 72 -3.81 -3.30 -1.62
N ASP A 73 -4.93 -3.69 -1.01
CA ASP A 73 -6.19 -2.97 -1.21
C ASP A 73 -6.05 -1.53 -0.70
N PHE A 74 -7.18 -0.93 -0.32
CA PHE A 74 -7.18 0.45 0.18
C PHE A 74 -7.30 0.47 1.71
N ASP A 75 -7.57 -0.70 2.29
CA ASP A 75 -7.71 -0.81 3.73
C ASP A 75 -6.35 -1.00 4.40
N GLU A 76 -5.92 -2.26 4.51
CA GLU A 76 -4.63 -2.56 5.13
C GLU A 76 -3.55 -1.60 4.64
N PHE A 77 -3.81 -0.93 3.53
CA PHE A 77 -2.85 0.01 2.97
C PHE A 77 -2.39 0.99 4.05
N LEU A 78 -3.27 1.27 5.00
CA LEU A 78 -2.94 2.20 6.09
C LEU A 78 -2.08 1.49 7.13
N VAL A 79 -2.55 0.36 7.62
CA VAL A 79 -1.82 -0.40 8.63
C VAL A 79 -0.38 -0.64 8.17
N MET A 80 -0.12 -0.34 6.90
CA MET A 80 1.21 -0.52 6.34
C MET A 80 2.19 0.49 6.92
N MET A 81 1.98 1.76 6.61
CA MET A 81 2.85 2.82 7.10
C MET A 81 2.48 3.21 8.54
N VAL A 82 1.18 3.29 8.82
CA VAL A 82 0.72 3.65 10.15
C VAL A 82 1.51 2.92 11.23
N ARG A 83 1.94 1.69 10.91
CA ARG A 83 2.71 0.90 11.86
C ARG A 83 4.17 1.36 11.88
N SER A 84 4.76 1.48 10.70
CA SER A 84 6.15 1.91 10.59
C SER A 84 6.30 3.34 11.10
N MET A 85 5.22 4.11 11.03
CA MET A 85 5.25 5.49 11.50
C MET A 85 5.16 5.55 13.02
N LYS A 86 4.08 4.99 13.56
CA LYS A 86 3.87 4.98 15.00
C LYS A 86 5.10 4.43 15.71
N ASP A 87 5.85 3.57 15.02
CA ASP A 87 7.06 2.99 15.60
C ASP A 87 7.96 2.45 14.51
N ASP A 88 9.06 3.15 14.25
CA ASP A 88 10.01 2.73 13.23
C ASP A 88 10.88 1.60 13.73
N SER A 89 11.31 0.73 12.82
CA SER A 89 12.16 -0.40 13.19
C SER A 89 12.65 -1.12 11.94
CA CA B . -4.58 -8.09 1.21
S1 WW7 C . 3.39 5.37 -2.46
O1 WW7 C . 2.64 5.80 -3.59
O2 WW7 C . 4.72 5.90 -2.32
N1 WW7 C . 2.49 5.84 -1.04
C4 WW7 C . 3.81 0.67 -2.47
C3 WW7 C . 4.97 1.54 -2.36
C2 WW7 C . 4.82 2.99 -2.37
C1 WW7 C . 3.51 3.61 -2.47
C9 WW7 C . 2.32 2.77 -2.59
C10 WW7 C . 2.49 1.25 -2.59
CL1 WW7 C . 1.37 -1.30 -2.68
C5 WW7 C . 1.29 0.42 -2.69
C6 WW7 C . -0.03 1.03 -2.80
C7 WW7 C . -0.17 2.49 -2.80
C8 WW7 C . 0.99 3.36 -2.70
C11 WW7 C . 2.72 5.08 0.18
C12 WW7 C . 4.16 5.12 0.68
C14 WW7 C . 5.46 3.63 2.21
C13 WW7 C . 4.66 3.69 0.91
C15 WW7 C . 5.45 2.20 2.76
C16 WW7 C . 6.88 1.68 2.95
N2 WW7 C . 7.04 0.87 4.13
HN1 WW7 C . 1.53 5.76 -1.27
H4 WW7 C . 3.92 -0.32 -2.47
H3 WW7 C . 5.88 1.13 -2.27
H2 WW7 C . 5.63 3.57 -2.29
H6 WW7 C . -0.84 0.45 -2.86
H7 WW7 C . -1.08 2.89 -2.88
H8 WW7 C . 0.88 4.35 -2.70
H111 WW7 C . 2.47 4.13 0.00
H112 WW7 C . 2.13 5.45 0.89
H121 WW7 C . 4.20 5.64 1.53
H122 WW7 C . 4.74 5.57 -0.01
H141 WW7 C . 5.06 4.25 2.89
H142 WW7 C . 6.41 3.91 2.03
H131 WW7 C . 5.25 3.41 0.15
H132 WW7 C . 3.88 3.07 0.97
H151 WW7 C . 4.95 1.60 2.13
H152 WW7 C . 4.97 2.19 3.65
H161 WW7 C . 7.49 2.47 3.01
H162 WW7 C . 7.13 1.14 2.14
HN21 WW7 C . 7.63 1.35 4.79
HN22 WW7 C . 7.47 0.00 3.88
HN23 WW7 C . 6.14 0.69 4.54
N MET A 1 -10.71 -6.02 15.48
CA MET A 1 -11.55 -4.85 15.10
C MET A 1 -10.65 -3.70 14.64
N ASP A 2 -9.35 -3.86 14.88
CA ASP A 2 -8.40 -2.83 14.48
C ASP A 2 -8.73 -1.50 15.14
N ASP A 3 -8.59 -1.45 16.47
CA ASP A 3 -8.89 -0.23 17.22
C ASP A 3 -7.70 0.73 17.18
N ILE A 4 -6.65 0.39 17.92
CA ILE A 4 -5.46 1.23 17.96
C ILE A 4 -5.09 1.75 16.57
N TYR A 5 -5.63 1.11 15.54
CA TYR A 5 -5.35 1.52 14.16
C TYR A 5 -6.35 2.57 13.70
N LYS A 6 -7.64 2.29 13.91
CA LYS A 6 -8.68 3.22 13.51
C LYS A 6 -8.47 4.58 14.16
N ALA A 7 -8.06 4.56 15.43
CA ALA A 7 -7.82 5.80 16.16
C ALA A 7 -6.94 6.74 15.35
N ALA A 8 -5.94 6.18 14.68
CA ALA A 8 -5.03 6.99 13.86
C ALA A 8 -5.70 7.37 12.54
N VAL A 9 -6.40 6.41 11.94
CA VAL A 9 -7.07 6.67 10.67
C VAL A 9 -8.03 7.85 10.79
N GLU A 10 -8.51 8.08 12.02
CA GLU A 10 -9.43 9.19 12.26
C GLU A 10 -8.70 10.52 12.21
N GLN A 11 -7.41 10.51 12.55
CA GLN A 11 -6.62 11.72 12.54
C GLN A 11 -6.32 12.16 11.11
N LEU A 12 -6.42 11.22 10.18
CA LEU A 12 -6.15 11.52 8.77
C LEU A 12 -7.36 12.22 8.15
N THR A 13 -7.17 13.49 7.79
CA THR A 13 -8.26 14.26 7.18
C THR A 13 -8.36 13.94 5.68
N GLU A 14 -9.51 14.24 5.09
CA GLU A 14 -9.73 13.98 3.67
C GLU A 14 -8.76 14.81 2.83
N GLU A 15 -7.90 15.56 3.50
CA GLU A 15 -6.92 16.41 2.79
C GLU A 15 -5.67 15.61 2.44
N GLN A 16 -5.09 14.94 3.44
CA GLN A 16 -3.89 14.15 3.22
C GLN A 16 -4.22 12.82 2.55
N LYS A 17 -5.48 12.64 2.16
CA LYS A 17 -5.92 11.41 1.50
C LYS A 17 -5.96 11.61 -0.01
N ASN A 18 -6.09 12.86 -0.44
CA ASN A 18 -6.14 13.16 -1.87
C ASN A 18 -4.88 12.66 -2.58
N GLU A 19 -3.79 12.57 -1.83
CA GLU A 19 -2.52 12.10 -2.39
C GLU A 19 -2.50 10.58 -2.47
N PHE A 20 -2.85 9.92 -1.37
CA PHE A 20 -2.87 8.46 -1.34
C PHE A 20 -3.83 7.92 -2.38
N LYS A 21 -5.09 8.33 -2.29
CA LYS A 21 -6.11 7.87 -3.24
C LYS A 21 -5.59 8.01 -4.67
N ALA A 22 -4.66 8.93 -4.88
CA ALA A 22 -4.10 9.14 -6.20
C ALA A 22 -3.04 8.09 -6.51
N ALA A 23 -2.20 7.79 -5.53
CA ALA A 23 -1.15 6.80 -5.71
C ALA A 23 -1.72 5.53 -6.35
N PHE A 24 -2.76 4.98 -5.74
CA PHE A 24 -3.39 3.77 -6.26
C PHE A 24 -3.54 3.85 -7.77
N ASP A 25 -4.22 4.88 -8.25
CA ASP A 25 -4.43 5.05 -9.68
C ASP A 25 -3.14 4.79 -10.45
N ILE A 26 -2.02 5.16 -9.85
CA ILE A 26 -0.72 4.96 -10.50
C ILE A 26 -0.35 3.48 -10.53
N PHE A 27 -0.28 2.86 -9.36
CA PHE A 27 0.06 1.44 -9.27
C PHE A 27 -0.90 0.61 -10.11
N VAL A 28 -2.03 1.19 -10.47
CA VAL A 28 -3.03 0.49 -11.28
C VAL A 28 -3.81 1.47 -12.15
N LEU A 29 -3.15 1.98 -13.20
CA LEU A 29 -3.78 2.93 -14.11
C LEU A 29 -4.37 2.21 -15.33
N GLY A 30 -4.67 0.92 -15.16
CA GLY A 30 -5.23 0.14 -16.26
C GLY A 30 -5.85 -1.17 -15.75
N ALA A 31 -5.89 -1.32 -14.44
CA ALA A 31 -6.46 -2.53 -13.85
C ALA A 31 -7.97 -2.46 -13.84
N GLU A 32 -8.62 -3.59 -13.56
CA GLU A 32 -10.08 -3.64 -13.53
C GLU A 32 -10.61 -2.94 -12.28
N ASP A 33 -10.41 -3.58 -11.13
CA ASP A 33 -10.87 -3.01 -9.87
C ASP A 33 -9.89 -1.96 -9.37
N GLY A 34 -8.73 -2.40 -8.91
CA GLY A 34 -7.71 -1.48 -8.40
C GLY A 34 -6.75 -2.20 -7.46
N SER A 35 -6.65 -3.52 -7.61
CA SER A 35 -5.75 -4.32 -6.76
C SER A 35 -4.33 -4.27 -7.30
N ILE A 36 -3.39 -3.91 -6.43
CA ILE A 36 -1.98 -3.83 -6.82
C ILE A 36 -1.31 -5.21 -6.67
N SER A 37 -0.22 -5.39 -7.39
CA SER A 37 0.51 -6.66 -7.35
C SER A 37 1.96 -6.46 -7.77
N THR A 38 2.80 -7.46 -7.49
CA THR A 38 4.22 -7.39 -7.83
C THR A 38 4.38 -7.11 -9.32
N LYS A 39 3.27 -7.10 -10.05
CA LYS A 39 3.32 -6.85 -11.49
C LYS A 39 3.39 -5.34 -11.77
N GLU A 40 2.39 -4.60 -11.27
CA GLU A 40 2.35 -3.15 -11.49
C GLU A 40 3.17 -2.42 -10.42
N LEU A 41 3.87 -3.18 -9.58
CA LEU A 41 4.69 -2.59 -8.54
C LEU A 41 5.98 -2.02 -9.13
N GLY A 42 6.87 -2.92 -9.55
CA GLY A 42 8.14 -2.50 -10.12
C GLY A 42 7.93 -1.40 -11.17
N LYS A 43 6.68 -1.20 -11.57
CA LYS A 43 6.37 -0.18 -12.57
C LYS A 43 6.46 1.21 -11.95
N VAL A 44 5.98 1.36 -10.72
CA VAL A 44 6.03 2.64 -10.04
C VAL A 44 7.42 2.91 -9.47
N MET A 45 8.00 1.89 -8.85
CA MET A 45 9.34 2.02 -8.27
C MET A 45 10.36 2.32 -9.35
N ARG A 46 9.96 2.16 -10.61
CA ARG A 46 10.87 2.41 -11.72
C ARG A 46 11.14 3.90 -11.86
N MET A 47 10.13 4.72 -11.59
CA MET A 47 10.27 6.16 -11.69
C MET A 47 11.39 6.65 -10.78
N LEU A 48 11.53 6.00 -9.63
CA LEU A 48 12.57 6.38 -8.67
C LEU A 48 13.95 6.02 -9.22
N GLY A 49 14.32 4.75 -9.10
CA GLY A 49 15.62 4.29 -9.59
C GLY A 49 15.89 2.86 -9.12
N GLN A 50 14.87 2.02 -9.18
CA GLN A 50 15.00 0.61 -8.77
C GLN A 50 14.21 -0.29 -9.71
N ASN A 51 14.50 -1.58 -9.65
CA ASN A 51 13.81 -2.55 -10.50
C ASN A 51 14.17 -3.97 -10.11
N PRO A 52 13.91 -4.36 -8.89
CA PRO A 52 14.22 -5.72 -8.39
C PRO A 52 13.22 -6.77 -8.89
N THR A 53 13.40 -8.01 -8.46
CA THR A 53 12.52 -9.10 -8.88
C THR A 53 11.21 -9.05 -8.08
N PRO A 54 10.12 -9.54 -8.63
CA PRO A 54 8.81 -9.54 -7.93
C PRO A 54 8.82 -10.47 -6.71
N GLU A 55 9.93 -11.16 -6.51
CA GLU A 55 10.06 -12.07 -5.38
C GLU A 55 10.43 -11.30 -4.11
N GLU A 56 11.22 -10.24 -4.27
CA GLU A 56 11.64 -9.43 -3.15
C GLU A 56 10.56 -8.42 -2.77
N LEU A 57 9.91 -7.84 -3.78
CA LEU A 57 8.86 -6.87 -3.54
C LEU A 57 7.71 -7.50 -2.77
N GLN A 58 7.37 -8.74 -3.13
CA GLN A 58 6.28 -9.45 -2.45
C GLN A 58 6.43 -9.32 -0.94
N GLU A 59 7.67 -9.21 -0.48
CA GLU A 59 7.93 -9.08 0.95
C GLU A 59 7.20 -7.87 1.53
N MET A 60 7.05 -6.84 0.71
CA MET A 60 6.36 -5.62 1.13
C MET A 60 4.85 -5.82 1.09
N ILE A 61 4.38 -6.51 0.06
CA ILE A 61 2.95 -6.76 -0.09
C ILE A 61 2.52 -7.89 0.85
N ASP A 62 3.49 -8.54 1.47
CA ASP A 62 3.21 -9.65 2.39
C ASP A 62 2.82 -9.11 3.77
N GLU A 63 3.75 -8.37 4.38
CA GLU A 63 3.51 -7.82 5.71
C GLU A 63 2.11 -7.19 5.79
N VAL A 64 1.74 -6.46 4.75
CA VAL A 64 0.43 -5.81 4.73
C VAL A 64 -0.68 -6.84 4.49
N ASP A 65 -0.46 -7.74 3.54
CA ASP A 65 -1.45 -8.77 3.23
C ASP A 65 -1.61 -9.72 4.41
N GLU A 66 -2.44 -9.32 5.37
CA GLU A 66 -2.68 -10.14 6.55
C GLU A 66 -3.38 -11.44 6.15
N ASP A 67 -4.25 -11.35 5.15
CA ASP A 67 -4.97 -12.54 4.68
C ASP A 67 -4.10 -13.36 3.74
N GLY A 68 -3.15 -12.70 3.08
CA GLY A 68 -2.26 -13.38 2.15
C GLY A 68 -2.92 -13.55 0.78
N SER A 69 -3.74 -12.57 0.41
CA SER A 69 -4.42 -12.61 -0.89
C SER A 69 -3.49 -12.16 -2.00
N GLY A 70 -2.44 -11.43 -1.63
CA GLY A 70 -1.47 -10.94 -2.62
C GLY A 70 -1.99 -9.67 -3.30
N THR A 71 -2.62 -8.80 -2.52
CA THR A 71 -3.15 -7.55 -3.05
C THR A 71 -3.20 -6.48 -1.97
N VAL A 72 -2.65 -5.31 -2.28
CA VAL A 72 -2.64 -4.21 -1.32
C VAL A 72 -3.96 -3.44 -1.35
N ASP A 73 -4.94 -3.94 -0.61
CA ASP A 73 -6.25 -3.29 -0.56
C ASP A 73 -6.15 -1.96 0.19
N PHE A 74 -7.06 -1.04 -0.14
CA PHE A 74 -7.07 0.27 0.52
C PHE A 74 -7.27 0.13 2.02
N ASP A 75 -7.67 -1.06 2.46
CA ASP A 75 -7.89 -1.29 3.89
C ASP A 75 -6.57 -1.54 4.61
N GLU A 76 -5.89 -2.62 4.25
CA GLU A 76 -4.61 -2.95 4.87
C GLU A 76 -3.53 -1.96 4.47
N PHE A 77 -3.84 -1.12 3.49
CA PHE A 77 -2.89 -0.12 3.03
C PHE A 77 -2.54 0.86 4.15
N LEU A 78 -3.57 1.49 4.71
CA LEU A 78 -3.37 2.45 5.79
C LEU A 78 -2.51 1.85 6.89
N VAL A 79 -2.77 0.59 7.21
CA VAL A 79 -2.00 -0.11 8.24
C VAL A 79 -0.51 -0.08 7.93
N MET A 80 -0.18 -0.09 6.63
CA MET A 80 1.21 -0.07 6.21
C MET A 80 1.90 1.20 6.72
N MET A 81 1.16 2.29 6.78
CA MET A 81 1.71 3.56 7.25
C MET A 81 1.75 3.61 8.77
N VAL A 82 0.59 3.47 9.39
CA VAL A 82 0.50 3.50 10.85
C VAL A 82 1.62 2.68 11.47
N ARG A 83 1.87 1.50 10.91
CA ARG A 83 2.92 0.63 11.43
C ARG A 83 4.29 1.30 11.29
N SER A 84 4.76 1.40 10.05
CA SER A 84 6.06 2.02 9.79
C SER A 84 6.19 3.33 10.55
N MET A 85 5.06 4.00 10.75
CA MET A 85 5.06 5.28 11.47
C MET A 85 5.15 5.04 12.97
N LYS A 86 4.01 4.80 13.60
CA LYS A 86 3.97 4.56 15.04
C LYS A 86 5.00 3.51 15.44
N ASP A 87 5.55 2.81 14.45
CA ASP A 87 6.54 1.78 14.70
C ASP A 87 7.38 1.51 13.46
N ASP A 88 8.51 2.20 13.34
CA ASP A 88 9.39 2.04 12.18
C ASP A 88 10.23 0.77 12.34
N SER A 89 10.04 -0.18 11.45
CA SER A 89 10.79 -1.43 11.50
C SER A 89 10.60 -2.22 10.21
CA CA B . -4.10 -8.54 1.13
S1 WW7 C . 3.21 5.66 -2.35
O1 WW7 C . 2.25 5.94 -3.38
O2 WW7 C . 4.45 6.41 -2.40
N1 WW7 C . 2.44 6.05 -0.84
C4 WW7 C . 4.37 1.09 -2.34
C3 WW7 C . 5.38 2.14 -2.22
C2 WW7 C . 5.01 3.54 -2.24
C1 WW7 C . 3.60 3.95 -2.36
C9 WW7 C . 2.58 2.93 -2.48
C10 WW7 C . 2.97 1.46 -2.48
CL1 WW7 C . 2.28 -1.24 -2.56
C5 WW7 C . 1.94 0.45 -2.58
C6 WW7 C . 0.53 0.84 -2.70
C7 WW7 C . 0.16 2.25 -2.71
C8 WW7 C . 1.17 3.29 -2.60
C11 WW7 C . 2.77 5.20 0.30
C12 WW7 C . 4.02 5.64 1.05
C14 WW7 C . 4.63 3.33 1.80
C13 WW7 C . 5.08 4.53 0.97
C15 WW7 C . 5.54 2.13 1.50
C16 WW7 C . 6.55 1.93 2.64
N2 WW7 C . 7.22 3.16 3.02
HN1 WW7 C . 1.45 5.97 -0.99
H4 WW7 C . 4.64 0.13 -2.33
H3 WW7 C . 6.34 1.88 -2.13
H2 WW7 C . 5.71 4.25 -2.16
H6 WW7 C . -0.17 0.14 -2.78
H7 WW7 C . -0.81 2.50 -2.80
H8 WW7 C . 0.90 4.26 -2.61
H111 WW7 C . 2.89 4.27 -0.02
H112 WW7 C . 1.99 5.22 0.94
H121 WW7 C . 3.80 5.82 2.01
H122 WW7 C . 4.38 6.47 0.63
H141 WW7 C . 3.69 3.10 1.58
H142 WW7 C . 4.69 3.56 2.78
H131 WW7 C . 5.95 4.87 1.33
H132 WW7 C . 5.20 4.26 0.02
H151 WW7 C . 6.03 2.28 0.65
H152 WW7 C . 4.98 1.31 1.40
H161 WW7 C . 7.22 1.26 2.37
H162 WW7 C . 6.04 1.58 3.44
HN21 WW7 C . 7.75 3.49 2.23
HN22 WW7 C . 7.85 2.98 3.77
HN23 WW7 C . 6.55 3.85 3.29
#